data_8JTP
#
_entry.id   8JTP
#
_cell.length_a   91.144
_cell.length_b   92.257
_cell.length_c   102.786
_cell.angle_alpha   90.00
_cell.angle_beta   90.00
_cell.angle_gamma   90.00
#
_symmetry.space_group_name_H-M   'P 21 21 21'
#
loop_
_entity.id
_entity.type
_entity.pdbx_description
1 polymer 'Enoyl-[acyl-carrier-protein] reductase [NADH]'
2 non-polymer 'HEXAETHYLENE GLYCOL'
3 water water
#
_entity_poly.entity_id   1
_entity_poly.type   'polypeptide(L)'
_entity_poly.pdbx_seq_one_letter_code
;GSHMGFLSGKRILITGVASKLSIAYGIAQAMHREGAELAFTYQNEKLKGRVEEFAAALGSDIVLPCDVAEDESITALFTE
LEKVWPKFDGFVHSIGFAPADQLDGDYVDVVTRDGFKIAHDISAYSFVAMAKACRGMLNPGSALLTLSYLGAERAIPNYN
VMGLAKASLEANVRYMANAMGPEGVRVNAISAGPIRTLAASGIKDFRKMLAHCEAVTPIRRTVTIEDVGNSAAFLCSNLS
AGISGEVVHVDGGFNIAAMNELELK
;
_entity_poly.pdbx_strand_id   A,B,C,D
#
# COMPACT_ATOMS: atom_id res chain seq x y z
N GLY A 5 3.00 25.53 3.24
CA GLY A 5 2.60 24.41 4.11
C GLY A 5 2.99 24.63 5.57
N PHE A 6 2.79 23.63 6.43
CA PHE A 6 2.91 23.81 7.87
C PHE A 6 4.37 23.78 8.31
N LEU A 7 5.28 23.67 7.34
CA LEU A 7 6.73 23.68 7.59
C LEU A 7 7.39 24.88 6.92
N SER A 8 6.59 25.84 6.43
CA SER A 8 7.08 27.07 5.82
C SER A 8 7.86 27.88 6.85
N GLY A 9 9.09 28.26 6.47
CA GLY A 9 9.97 29.00 7.35
C GLY A 9 11.05 28.13 7.98
N LYS A 10 10.83 26.80 7.97
CA LYS A 10 11.76 25.88 8.58
C LYS A 10 12.90 25.52 7.62
N ARG A 11 14.09 25.36 8.22
CA ARG A 11 15.27 24.80 7.56
C ARG A 11 15.67 23.53 8.30
N ILE A 12 15.48 22.38 7.63
CA ILE A 12 15.64 21.08 8.27
C ILE A 12 16.68 20.25 7.52
N LEU A 13 17.61 19.67 8.30
CA LEU A 13 18.67 18.81 7.79
C LEU A 13 18.20 17.36 7.84
N ILE A 14 18.28 16.65 6.69
CA ILE A 14 17.89 15.25 6.59
C ILE A 14 19.13 14.39 6.46
N THR A 15 19.36 13.47 7.41
CA THR A 15 20.46 12.53 7.31
C THR A 15 19.90 11.13 7.02
N GLY A 16 20.66 10.33 6.26
CA GLY A 16 20.31 8.96 5.98
C GLY A 16 19.67 8.75 4.62
N VAL A 17 19.79 9.70 3.70
CA VAL A 17 19.40 9.47 2.33
C VAL A 17 20.51 8.70 1.61
N ALA A 18 20.16 7.53 1.06
CA ALA A 18 21.05 6.70 0.27
C ALA A 18 20.41 6.28 -1.05
N SER A 19 19.06 6.21 -1.06
CA SER A 19 18.29 5.93 -2.25
C SER A 19 16.91 6.59 -2.14
N LYS A 20 16.14 6.63 -3.24
CA LYS A 20 14.80 7.21 -3.24
C LYS A 20 13.84 6.35 -2.42
N LEU A 21 14.29 5.15 -2.03
CA LEU A 21 13.48 4.24 -1.24
C LEU A 21 13.83 4.34 0.24
N SER A 22 14.92 5.07 0.59
CA SER A 22 15.28 5.41 1.96
C SER A 22 14.09 6.01 2.68
N ILE A 23 13.91 5.62 3.95
CA ILE A 23 12.81 6.14 4.74
C ILE A 23 13.01 7.65 4.91
N ALA A 24 14.28 8.07 5.06
CA ALA A 24 14.70 9.46 5.20
C ALA A 24 14.31 10.29 3.98
N TYR A 25 14.29 9.63 2.82
CA TYR A 25 13.96 10.31 1.58
C TYR A 25 12.47 10.66 1.53
N GLY A 26 11.63 9.71 1.95
CA GLY A 26 10.20 9.92 2.02
C GLY A 26 9.83 11.04 3.01
N ILE A 27 10.58 11.11 4.11
CA ILE A 27 10.39 12.15 5.10
C ILE A 27 10.75 13.49 4.48
N ALA A 28 11.84 13.51 3.72
CA ALA A 28 12.29 14.73 3.04
C ALA A 28 11.20 15.18 2.05
N GLN A 29 10.63 14.24 1.31
CA GLN A 29 9.58 14.55 0.34
C GLN A 29 8.40 15.20 1.02
N ALA A 30 7.96 14.64 2.17
CA ALA A 30 6.81 15.17 2.92
C ALA A 30 7.12 16.58 3.44
N MET A 31 8.35 16.76 3.93
CA MET A 31 8.75 18.03 4.50
C MET A 31 8.86 19.08 3.41
N HIS A 32 9.33 18.67 2.23
CA HIS A 32 9.43 19.56 1.07
C HIS A 32 8.03 20.02 0.70
N ARG A 33 7.10 19.08 0.63
CA ARG A 33 5.72 19.35 0.29
C ARG A 33 5.08 20.35 1.24
N GLU A 34 5.52 20.41 2.49
CA GLU A 34 4.95 21.30 3.50
C GLU A 34 5.78 22.59 3.62
N GLY A 35 6.70 22.80 2.66
CA GLY A 35 7.34 24.10 2.46
C GLY A 35 8.62 24.32 3.26
N ALA A 36 9.29 23.24 3.66
CA ALA A 36 10.56 23.35 4.37
C ALA A 36 11.70 23.47 3.36
N GLU A 37 12.71 24.27 3.70
CA GLU A 37 14.00 24.24 3.03
C GLU A 37 14.82 23.11 3.66
N LEU A 38 15.45 22.29 2.81
CA LEU A 38 16.15 21.08 3.26
C LEU A 38 17.65 21.15 2.97
N ALA A 39 18.43 20.39 3.75
CA ALA A 39 19.84 20.12 3.54
C ALA A 39 20.04 18.62 3.80
N PHE A 40 20.99 18.01 3.07
CA PHE A 40 21.18 16.57 3.15
C PHE A 40 22.64 16.26 3.48
N THR A 41 22.87 15.11 4.13
CA THR A 41 24.22 14.59 4.32
C THR A 41 24.37 13.27 3.56
N TYR A 42 25.58 13.03 3.04
CA TYR A 42 25.97 11.74 2.48
C TYR A 42 27.00 11.09 3.40
N GLN A 43 26.79 9.78 3.69
CA GLN A 43 27.70 8.97 4.52
C GLN A 43 29.03 8.78 3.77
N ASN A 44 28.91 8.30 2.55
CA ASN A 44 29.95 7.67 1.76
C ASN A 44 30.23 8.64 0.61
N GLU A 45 31.48 8.74 0.12
CA GLU A 45 31.81 9.56 -1.04
C GLU A 45 31.10 9.03 -2.30
N LYS A 46 30.85 7.71 -2.32
CA LYS A 46 30.21 7.05 -3.44
C LYS A 46 28.79 7.57 -3.61
N LEU A 47 28.14 7.96 -2.49
CA LEU A 47 26.75 8.38 -2.43
C LEU A 47 26.57 9.85 -2.81
N LYS A 48 27.64 10.65 -2.77
CA LYS A 48 27.60 12.10 -2.94
C LYS A 48 26.76 12.50 -4.16
N GLY A 49 27.00 11.85 -5.30
CA GLY A 49 26.30 12.17 -6.54
C GLY A 49 24.81 11.86 -6.48
N ARG A 50 24.45 10.65 -6.00
CA ARG A 50 23.06 10.27 -5.82
C ARG A 50 22.33 11.29 -4.94
N VAL A 51 22.88 11.59 -3.75
CA VAL A 51 22.25 12.47 -2.78
C VAL A 51 22.08 13.87 -3.34
N GLU A 52 23.05 14.34 -4.13
CA GLU A 52 22.97 15.63 -4.80
C GLU A 52 21.81 15.65 -5.80
N GLU A 53 21.58 14.54 -6.52
CA GLU A 53 20.47 14.40 -7.45
C GLU A 53 19.15 14.43 -6.70
N PHE A 54 19.05 13.69 -5.58
CA PHE A 54 17.83 13.59 -4.80
C PHE A 54 17.50 14.94 -4.17
N ALA A 55 18.53 15.59 -3.64
CA ALA A 55 18.45 16.94 -3.08
C ALA A 55 17.92 17.93 -4.11
N ALA A 56 18.46 17.89 -5.33
CA ALA A 56 18.04 18.74 -6.43
C ALA A 56 16.56 18.50 -6.78
N ALA A 57 16.11 17.24 -6.74
CA ALA A 57 14.73 16.83 -6.93
C ALA A 57 13.80 17.59 -5.98
N LEU A 58 14.31 17.97 -4.78
CA LEU A 58 13.55 18.69 -3.76
C LEU A 58 14.07 20.12 -3.61
N GLY A 59 14.76 20.62 -4.64
CA GLY A 59 15.14 22.02 -4.75
C GLY A 59 16.25 22.45 -3.80
N SER A 60 17.13 21.52 -3.38
CA SER A 60 18.19 21.79 -2.43
C SER A 60 19.58 21.67 -3.08
N ASP A 61 20.48 22.62 -2.71
CA ASP A 61 21.87 22.63 -3.16
C ASP A 61 22.82 22.31 -2.01
N ILE A 62 22.29 22.16 -0.78
CA ILE A 62 23.10 21.88 0.40
C ILE A 62 23.23 20.37 0.62
N VAL A 63 24.34 19.79 0.15
CA VAL A 63 24.65 18.38 0.34
C VAL A 63 26.06 18.28 0.93
N LEU A 64 26.16 17.84 2.19
CA LEU A 64 27.43 17.86 2.92
C LEU A 64 27.79 16.45 3.37
N PRO A 65 29.10 16.13 3.48
CA PRO A 65 29.51 14.79 3.93
C PRO A 65 29.39 14.70 5.45
N CYS A 66 28.95 13.54 5.94
CA CYS A 66 28.97 13.28 7.37
C CYS A 66 28.88 11.78 7.62
N ASP A 67 29.89 11.26 8.33
CA ASP A 67 29.84 9.94 8.92
C ASP A 67 29.56 10.13 10.41
N VAL A 68 28.32 9.85 10.84
CA VAL A 68 27.86 10.00 12.21
C VAL A 68 28.69 9.15 13.18
N ALA A 69 29.44 8.17 12.66
CA ALA A 69 30.31 7.31 13.44
C ALA A 69 31.51 8.09 13.96
N GLU A 70 31.99 9.12 13.24
CA GLU A 70 33.15 9.91 13.65
C GLU A 70 32.75 11.29 14.17
N ASP A 71 33.24 11.66 15.36
CA ASP A 71 32.82 12.90 16.02
C ASP A 71 33.34 14.12 15.27
N GLU A 72 34.52 14.01 14.65
CA GLU A 72 35.10 15.15 13.95
C GLU A 72 34.32 15.42 12.66
N SER A 73 33.74 14.38 12.04
CA SER A 73 32.94 14.48 10.82
C SER A 73 31.66 15.28 11.07
N ILE A 74 31.08 15.08 12.26
CA ILE A 74 29.89 15.78 12.73
C ILE A 74 30.23 17.25 12.96
N THR A 75 31.30 17.52 13.71
CA THR A 75 31.79 18.88 13.95
C THR A 75 32.05 19.62 12.64
N ALA A 76 32.64 18.91 11.66
CA ALA A 76 32.96 19.43 10.34
C ALA A 76 31.68 19.78 9.60
N LEU A 77 30.69 18.87 9.65
CA LEU A 77 29.41 19.07 9.00
C LEU A 77 28.79 20.39 9.42
N PHE A 78 28.70 20.63 10.75
CA PHE A 78 28.03 21.80 11.28
C PHE A 78 28.86 23.08 11.06
N THR A 79 30.18 22.93 10.91
CA THR A 79 31.08 24.02 10.54
C THR A 79 30.78 24.49 9.12
N GLU A 80 30.60 23.52 8.21
CA GLU A 80 30.30 23.76 6.81
C GLU A 80 28.88 24.29 6.67
N LEU A 81 27.94 23.74 7.47
CA LEU A 81 26.53 24.05 7.38
C LEU A 81 26.30 25.51 7.77
N GLU A 82 27.02 25.98 8.81
CA GLU A 82 26.86 27.33 9.36
C GLU A 82 27.19 28.40 8.32
N LYS A 83 27.93 28.01 7.26
CA LYS A 83 28.37 28.91 6.21
C LYS A 83 27.20 29.28 5.29
N VAL A 84 26.19 28.40 5.18
CA VAL A 84 25.01 28.62 4.36
C VAL A 84 23.76 28.82 5.23
N TRP A 85 23.64 28.04 6.31
CA TRP A 85 22.56 28.11 7.31
C TRP A 85 23.17 28.45 8.66
N PRO A 86 23.42 29.74 8.96
CA PRO A 86 24.00 30.12 10.25
C PRO A 86 23.13 29.63 11.41
N LYS A 87 21.82 29.58 11.18
CA LYS A 87 20.79 29.08 12.08
C LYS A 87 19.82 28.22 11.27
N PHE A 88 19.34 27.14 11.89
CA PHE A 88 18.37 26.22 11.30
C PHE A 88 17.43 25.68 12.38
N ASP A 89 16.42 24.90 11.97
CA ASP A 89 15.27 24.60 12.83
C ASP A 89 15.19 23.12 13.18
N GLY A 90 16.30 22.38 13.04
CA GLY A 90 16.36 21.01 13.49
C GLY A 90 16.73 20.02 12.38
N PHE A 91 16.77 18.73 12.75
CA PHE A 91 17.22 17.71 11.82
C PHE A 91 16.51 16.37 12.08
N VAL A 92 16.48 15.54 11.02
CA VAL A 92 15.99 14.18 11.06
C VAL A 92 17.20 13.25 11.00
N HIS A 93 17.32 12.42 12.05
CA HIS A 93 18.43 11.49 12.24
C HIS A 93 17.93 10.09 11.88
N SER A 94 18.36 9.59 10.71
CA SER A 94 17.83 8.34 10.18
C SER A 94 18.95 7.46 9.64
N ILE A 95 19.78 6.89 10.52
CA ILE A 95 20.93 6.11 10.11
C ILE A 95 21.08 5.03 11.16
N GLY A 96 20.58 3.82 10.87
CA GLY A 96 20.98 2.59 11.55
C GLY A 96 21.85 1.72 10.63
N PHE A 97 22.69 0.84 11.20
CA PHE A 97 23.65 0.06 10.42
C PHE A 97 22.92 -0.73 9.30
N ASP A 109 30.21 -11.02 12.78
CA ASP A 109 30.62 -12.32 12.18
C ASP A 109 31.34 -13.21 13.20
N VAL A 110 32.48 -12.74 13.73
CA VAL A 110 33.22 -13.46 14.76
C VAL A 110 32.56 -13.17 16.11
N VAL A 111 32.54 -14.16 17.01
CA VAL A 111 31.92 -14.14 18.34
C VAL A 111 32.20 -12.81 19.06
N THR A 112 31.16 -12.23 19.72
CA THR A 112 31.18 -10.87 20.26
C THR A 112 32.41 -10.58 21.12
N ARG A 113 32.95 -11.59 21.84
CA ARG A 113 34.17 -11.44 22.62
C ARG A 113 35.36 -11.17 21.69
N ASP A 114 35.71 -9.87 21.54
CA ASP A 114 36.68 -9.32 20.59
C ASP A 114 37.27 -7.98 21.04
N GLY A 115 38.48 -7.67 20.55
CA GLY A 115 39.24 -6.50 20.94
C GLY A 115 38.43 -5.21 20.84
N PHE A 116 39.15 -4.07 20.76
CA PHE A 116 38.60 -2.72 20.92
C PHE A 116 37.56 -2.40 19.83
N LYS A 117 36.36 -2.01 20.26
CA LYS A 117 35.29 -1.48 19.41
C LYS A 117 34.39 -0.60 20.27
N ILE A 118 33.58 0.26 19.63
CA ILE A 118 32.51 0.99 20.32
C ILE A 118 31.31 0.05 20.55
N ALA A 119 31.19 -1.03 19.76
CA ALA A 119 30.21 -2.09 19.99
C ALA A 119 28.84 -1.69 19.46
N HIS A 120 28.78 -1.17 18.23
CA HIS A 120 27.58 -0.59 17.63
C HIS A 120 26.84 0.34 18.59
N ASP A 121 27.54 1.38 19.05
CA ASP A 121 26.96 2.47 19.84
C ASP A 121 25.91 3.23 19.02
N ILE A 122 26.26 3.47 17.74
CA ILE A 122 25.63 4.30 16.72
C ILE A 122 24.18 4.65 17.05
N SER A 123 23.61 5.65 16.36
CA SER A 123 22.18 5.94 16.38
C SER A 123 21.82 6.66 17.69
N ALA A 124 21.81 5.92 18.80
CA ALA A 124 21.71 6.50 20.13
C ALA A 124 22.78 7.59 20.34
N TYR A 125 24.06 7.19 20.22
CA TYR A 125 25.15 8.11 20.48
C TYR A 125 25.18 9.23 19.44
N SER A 126 25.17 8.87 18.14
CA SER A 126 25.24 9.84 17.07
C SER A 126 24.11 10.88 17.17
N PHE A 127 22.96 10.46 17.73
CA PHE A 127 21.82 11.35 17.84
C PHE A 127 22.14 12.46 18.84
N VAL A 128 22.69 12.09 20.01
CA VAL A 128 23.00 13.07 21.03
C VAL A 128 24.24 13.87 20.64
N ALA A 129 25.16 13.25 19.90
CA ALA A 129 26.36 13.90 19.39
C ALA A 129 26.01 15.05 18.46
N MET A 130 25.14 14.78 17.47
CA MET A 130 24.72 15.76 16.50
C MET A 130 23.98 16.91 17.18
N ALA A 131 23.19 16.59 18.21
CA ALA A 131 22.45 17.57 19.00
C ALA A 131 23.43 18.54 19.68
N LYS A 132 24.48 17.99 20.32
CA LYS A 132 25.50 18.79 20.99
C LYS A 132 26.24 19.65 19.97
N ALA A 133 26.47 19.11 18.77
CA ALA A 133 27.31 19.73 17.77
C ALA A 133 26.61 20.94 17.13
N CYS A 134 25.28 20.89 16.99
CA CYS A 134 24.53 21.95 16.33
C CYS A 134 23.72 22.75 17.34
N ARG A 135 23.97 22.55 18.63
CA ARG A 135 23.19 23.12 19.74
C ARG A 135 23.05 24.64 19.59
N GLY A 136 24.13 25.32 19.18
CA GLY A 136 24.13 26.78 19.14
C GLY A 136 23.46 27.33 17.88
N MET A 137 23.28 26.47 16.85
CA MET A 137 22.72 26.88 15.57
C MET A 137 21.20 26.69 15.52
N LEU A 138 20.61 26.12 16.59
CA LEU A 138 19.19 25.81 16.61
C LEU A 138 18.40 27.06 17.00
N ASN A 139 17.40 27.40 16.18
CA ASN A 139 16.46 28.48 16.49
C ASN A 139 15.55 28.05 17.63
N PRO A 140 14.90 29.00 18.35
CA PRO A 140 13.92 28.62 19.37
C PRO A 140 12.77 28.03 18.56
N GLY A 141 12.19 26.93 19.07
CA GLY A 141 11.13 26.24 18.38
C GLY A 141 11.62 25.11 17.50
N SER A 142 12.95 24.87 17.48
CA SER A 142 13.56 23.77 16.74
C SER A 142 13.04 22.44 17.27
N ALA A 143 13.13 21.41 16.41
CA ALA A 143 12.75 20.05 16.76
C ALA A 143 13.71 19.07 16.10
N LEU A 144 14.26 18.15 16.92
CA LEU A 144 15.07 17.04 16.44
C LEU A 144 14.19 15.80 16.40
N LEU A 145 14.40 14.95 15.39
CA LEU A 145 13.64 13.72 15.27
C LEU A 145 14.57 12.56 14.90
N THR A 146 14.44 11.44 15.62
CA THR A 146 15.20 10.24 15.30
C THR A 146 14.24 9.14 14.86
N LEU A 147 14.65 8.40 13.82
CA LEU A 147 13.86 7.31 13.27
C LEU A 147 14.37 5.98 13.80
N SER A 148 13.41 5.11 14.13
CA SER A 148 13.66 3.69 14.33
C SER A 148 12.83 2.92 13.31
N TYR A 149 13.42 1.87 12.72
CA TYR A 149 12.74 1.02 11.76
C TYR A 149 13.22 -0.44 11.91
N ALA A 165 14.87 -11.32 22.30
CA ALA A 165 14.64 -10.21 23.26
C ALA A 165 15.31 -8.94 22.73
N LYS A 166 14.54 -7.82 22.74
CA LYS A 166 14.98 -6.53 22.21
C LYS A 166 14.58 -5.38 23.14
N ALA A 167 15.45 -5.10 24.13
CA ALA A 167 15.26 -4.05 25.11
C ALA A 167 15.80 -2.72 24.56
N SER A 168 15.72 -2.54 23.24
CA SER A 168 16.24 -1.37 22.55
C SER A 168 15.40 -0.11 22.77
N LEU A 169 14.20 -0.26 23.36
CA LEU A 169 13.40 0.86 23.84
C LEU A 169 14.15 1.63 24.95
N GLU A 170 14.31 2.94 24.69
CA GLU A 170 15.21 3.82 25.42
C GLU A 170 14.53 5.15 25.77
N ALA A 171 15.03 5.80 26.84
CA ALA A 171 14.66 7.12 27.29
C ALA A 171 15.81 8.10 27.00
N ASN A 172 16.60 7.77 25.96
CA ASN A 172 17.54 8.71 25.35
C ASN A 172 16.79 9.97 24.91
N VAL A 173 15.65 9.75 24.25
CA VAL A 173 14.77 10.80 23.78
C VAL A 173 14.26 11.65 24.95
N ARG A 174 13.89 10.97 26.05
CA ARG A 174 13.36 11.60 27.26
C ARG A 174 14.41 12.55 27.85
N TYR A 175 15.65 12.05 27.98
CA TYR A 175 16.71 12.81 28.60
C TYR A 175 17.17 13.96 27.70
N MET A 176 17.15 13.75 26.38
CA MET A 176 17.54 14.77 25.43
C MET A 176 16.54 15.92 25.47
N ALA A 177 15.24 15.57 25.54
CA ALA A 177 14.17 16.53 25.53
C ALA A 177 14.24 17.40 26.78
N ASN A 178 14.53 16.79 27.94
CA ASN A 178 14.63 17.50 29.21
C ASN A 178 15.81 18.47 29.21
N ALA A 179 16.88 18.10 28.49
CA ALA A 179 18.10 18.89 28.43
C ALA A 179 17.89 20.13 27.57
N MET A 180 17.24 19.94 26.41
CA MET A 180 17.19 20.95 25.37
C MET A 180 15.87 21.71 25.39
N GLY A 181 14.89 21.22 26.15
CA GLY A 181 13.59 21.88 26.26
C GLY A 181 13.73 23.32 26.71
N PRO A 182 14.45 23.58 27.84
CA PRO A 182 14.61 24.93 28.35
C PRO A 182 15.15 25.97 27.37
N GLU A 183 15.81 25.53 26.30
CA GLU A 183 16.37 26.44 25.31
C GLU A 183 15.53 26.42 24.03
N GLY A 184 14.32 25.85 24.10
CA GLY A 184 13.34 25.96 23.03
C GLY A 184 13.38 24.82 22.01
N VAL A 185 14.12 23.74 22.31
CA VAL A 185 14.31 22.68 21.33
C VAL A 185 13.54 21.44 21.77
N ARG A 186 12.73 20.87 20.86
CA ARG A 186 11.98 19.65 21.14
C ARG A 186 12.71 18.44 20.54
N VAL A 187 12.60 17.28 21.19
CA VAL A 187 13.27 16.07 20.74
C VAL A 187 12.26 14.92 20.82
N ASN A 188 12.08 14.20 19.71
CA ASN A 188 11.13 13.11 19.63
C ASN A 188 11.72 12.02 18.72
N ALA A 189 11.08 10.85 18.74
CA ALA A 189 11.44 9.74 17.85
C ALA A 189 10.20 9.15 17.20
N ILE A 190 10.35 8.64 15.98
CA ILE A 190 9.31 7.84 15.36
C ILE A 190 9.80 6.40 15.29
N SER A 191 9.02 5.51 15.88
CA SER A 191 9.21 4.07 15.76
C SER A 191 8.22 3.56 14.71
N ALA A 192 8.72 3.33 13.48
CA ALA A 192 7.88 2.90 12.36
C ALA A 192 7.82 1.36 12.29
N GLY A 193 6.62 0.84 12.00
CA GLY A 193 6.37 -0.55 11.67
C GLY A 193 6.89 -0.90 10.29
N PRO A 194 6.58 -2.09 9.72
CA PRO A 194 7.05 -2.46 8.37
C PRO A 194 6.50 -1.49 7.31
N ILE A 195 7.39 -0.91 6.49
CA ILE A 195 7.01 0.14 5.55
C ILE A 195 6.86 -0.45 4.16
N ARG A 196 5.61 -0.46 3.67
CA ARG A 196 5.27 -0.99 2.37
C ARG A 196 6.05 -0.21 1.31
N THR A 197 6.67 -0.93 0.37
CA THR A 197 7.59 -0.38 -0.62
C THR A 197 6.85 0.49 -1.61
N LEU A 198 5.73 -0.07 -2.15
CA LEU A 198 4.85 0.51 -3.15
C LEU A 198 5.52 0.47 -4.55
N PRO A 218 -3.48 -12.66 15.30
CA PRO A 218 -2.26 -11.84 15.15
C PRO A 218 -2.49 -10.70 14.13
N ILE A 219 -2.14 -9.46 14.53
CA ILE A 219 -2.49 -8.25 13.80
C ILE A 219 -1.31 -7.81 12.91
N ARG A 220 -1.31 -8.22 11.63
CA ARG A 220 -0.40 -7.68 10.62
C ARG A 220 -0.81 -6.23 10.31
N ARG A 221 0.21 -5.34 10.26
CA ARG A 221 0.05 -3.92 9.99
C ARG A 221 1.21 -3.41 9.15
N THR A 222 0.91 -2.81 8.00
CA THR A 222 1.92 -2.16 7.16
C THR A 222 1.71 -0.64 7.16
N VAL A 223 2.79 0.13 7.13
CA VAL A 223 2.65 1.61 7.31
C VAL A 223 2.38 2.34 6.02
N THR A 224 3.39 2.64 5.20
CA THR A 224 3.28 3.48 3.97
C THR A 224 4.19 4.70 4.17
N ILE A 225 5.18 4.88 3.31
CA ILE A 225 6.17 5.97 3.51
C ILE A 225 5.45 7.30 3.71
N GLU A 226 4.35 7.51 2.99
CA GLU A 226 3.63 8.76 3.09
C GLU A 226 3.18 8.97 4.53
N ASP A 227 2.72 7.88 5.18
CA ASP A 227 2.27 7.91 6.56
C ASP A 227 3.41 8.30 7.51
N VAL A 228 4.57 7.65 7.32
CA VAL A 228 5.75 7.94 8.11
C VAL A 228 6.17 9.39 7.87
N GLY A 229 6.17 9.81 6.60
CA GLY A 229 6.63 11.12 6.21
C GLY A 229 5.79 12.23 6.86
N ASN A 230 4.47 12.06 6.89
CA ASN A 230 3.59 13.10 7.40
C ASN A 230 3.69 13.20 8.92
N SER A 231 3.86 12.06 9.61
CA SER A 231 4.08 12.06 11.05
C SER A 231 5.39 12.77 11.38
N ALA A 232 6.44 12.48 10.58
CA ALA A 232 7.74 13.11 10.71
C ALA A 232 7.61 14.62 10.49
N ALA A 233 6.92 15.01 9.41
CA ALA A 233 6.75 16.42 9.07
C ALA A 233 6.05 17.13 10.22
N PHE A 234 4.98 16.51 10.76
CA PHE A 234 4.21 17.05 11.87
C PHE A 234 5.12 17.25 13.08
N LEU A 235 5.93 16.23 13.40
CA LEU A 235 6.75 16.24 14.61
C LEU A 235 7.90 17.23 14.52
N CYS A 236 8.11 17.83 13.33
CA CYS A 236 9.16 18.83 13.13
C CYS A 236 8.56 20.22 12.96
N SER A 237 7.21 20.30 12.93
CA SER A 237 6.47 21.53 12.71
C SER A 237 5.98 22.07 14.05
N ASN A 238 5.43 23.30 14.05
CA ASN A 238 4.91 23.92 15.26
C ASN A 238 3.59 23.31 15.68
N LEU A 239 2.95 22.51 14.80
CA LEU A 239 1.72 21.79 15.15
C LEU A 239 1.98 20.88 16.35
N SER A 240 3.21 20.33 16.43
CA SER A 240 3.57 19.35 17.44
C SER A 240 4.28 19.98 18.63
N ALA A 241 4.11 21.31 18.82
CA ALA A 241 4.79 22.11 19.83
C ALA A 241 4.56 21.56 21.24
N GLY A 242 3.41 20.88 21.45
CA GLY A 242 3.09 20.35 22.77
C GLY A 242 3.74 18.98 23.02
N ILE A 243 4.45 18.45 22.02
CA ILE A 243 5.02 17.10 22.09
C ILE A 243 6.54 17.20 22.10
N SER A 244 7.15 16.80 23.23
CA SER A 244 8.60 16.63 23.32
C SER A 244 8.95 15.48 24.26
N GLY A 245 10.06 14.81 23.96
CA GLY A 245 10.56 13.68 24.74
C GLY A 245 9.73 12.41 24.56
N GLU A 246 9.11 12.24 23.39
CA GLU A 246 8.14 11.19 23.14
C GLU A 246 8.60 10.30 21.99
N VAL A 247 8.23 9.01 22.03
CA VAL A 247 8.47 8.10 20.93
C VAL A 247 7.11 7.73 20.34
N VAL A 248 6.82 8.25 19.14
CA VAL A 248 5.54 8.05 18.46
C VAL A 248 5.63 6.78 17.63
N HIS A 249 4.72 5.83 17.87
CA HIS A 249 4.67 4.56 17.15
C HIS A 249 3.77 4.71 15.93
N VAL A 250 4.36 4.57 14.74
CA VAL A 250 3.66 4.70 13.47
C VAL A 250 3.64 3.32 12.82
N ASP A 251 2.66 2.49 13.19
CA ASP A 251 2.57 1.12 12.73
C ASP A 251 1.36 0.92 11.83
N GLY A 252 0.37 1.80 11.97
CA GLY A 252 -1.02 1.63 11.54
C GLY A 252 -1.16 1.20 10.09
N GLY A 253 -2.26 0.50 9.81
CA GLY A 253 -2.59 -0.02 8.50
C GLY A 253 -2.92 -1.51 8.56
N PHE A 254 -4.16 -1.83 8.94
CA PHE A 254 -4.64 -3.21 8.99
C PHE A 254 -5.09 -3.67 7.59
N ASN A 255 -5.46 -4.96 7.49
CA ASN A 255 -6.03 -5.55 6.28
C ASN A 255 -7.51 -5.88 6.49
N ILE A 256 -8.24 -6.29 5.44
CA ILE A 256 -9.66 -6.62 5.56
C ILE A 256 -9.84 -8.07 6.05
N ALA A 257 -10.98 -8.35 6.70
CA ALA A 257 -11.32 -9.72 7.10
C ALA A 257 -12.39 -10.27 6.13
N GLY B 5 -12.30 1.55 -21.96
CA GLY B 5 -11.25 0.72 -21.36
C GLY B 5 -11.24 -0.72 -21.92
N PHE B 6 -10.43 -1.61 -21.32
CA PHE B 6 -10.19 -2.92 -21.89
C PHE B 6 -11.33 -3.89 -21.61
N LEU B 7 -12.39 -3.39 -20.95
CA LEU B 7 -13.58 -4.16 -20.64
C LEU B 7 -14.82 -3.59 -21.34
N SER B 8 -14.61 -2.65 -22.28
CA SER B 8 -15.69 -2.06 -23.07
C SER B 8 -16.37 -3.14 -23.90
N GLY B 9 -17.69 -3.22 -23.81
CA GLY B 9 -18.44 -4.24 -24.51
C GLY B 9 -18.94 -5.34 -23.58
N LYS B 10 -18.26 -5.50 -22.43
CA LYS B 10 -18.54 -6.60 -21.53
C LYS B 10 -19.68 -6.24 -20.58
N ARG B 11 -20.50 -7.27 -20.28
CA ARG B 11 -21.52 -7.25 -19.25
C ARG B 11 -21.17 -8.30 -18.21
N ILE B 12 -20.77 -7.85 -17.02
CA ILE B 12 -20.25 -8.74 -15.99
C ILE B 12 -21.08 -8.63 -14.71
N LEU B 13 -21.46 -9.81 -14.17
CA LEU B 13 -22.22 -9.90 -12.94
C LEU B 13 -21.26 -10.08 -11.76
N ILE B 14 -21.38 -9.21 -10.73
CA ILE B 14 -20.50 -9.24 -9.57
C ILE B 14 -21.32 -9.73 -8.38
N THR B 15 -20.90 -10.85 -7.78
CA THR B 15 -21.53 -11.35 -6.56
C THR B 15 -20.58 -11.11 -5.39
N GLY B 16 -21.14 -10.83 -4.21
CA GLY B 16 -20.37 -10.77 -2.98
C GLY B 16 -20.09 -9.34 -2.53
N VAL B 17 -20.82 -8.37 -3.07
CA VAL B 17 -20.76 -7.01 -2.57
C VAL B 17 -21.66 -6.90 -1.34
N ALA B 18 -21.06 -6.49 -0.21
CA ALA B 18 -21.79 -6.27 1.04
C ALA B 18 -21.46 -4.89 1.62
N SER B 19 -20.25 -4.40 1.33
CA SER B 19 -19.79 -3.10 1.80
C SER B 19 -18.77 -2.55 0.80
N LYS B 20 -18.41 -1.27 0.95
CA LYS B 20 -17.43 -0.62 0.11
C LYS B 20 -16.03 -1.21 0.32
N LEU B 21 -15.87 -2.00 1.38
CA LEU B 21 -14.59 -2.63 1.70
C LEU B 21 -14.54 -4.06 1.20
N SER B 22 -15.68 -4.62 0.74
CA SER B 22 -15.76 -5.92 0.10
C SER B 22 -14.74 -6.01 -1.04
N ILE B 23 -14.07 -7.16 -1.14
CA ILE B 23 -13.09 -7.38 -2.19
C ILE B 23 -13.80 -7.30 -3.54
N ALA B 24 -15.04 -7.81 -3.61
CA ALA B 24 -15.87 -7.83 -4.81
C ALA B 24 -16.21 -6.42 -5.27
N TYR B 25 -16.27 -5.49 -4.30
CA TYR B 25 -16.62 -4.11 -4.60
C TYR B 25 -15.46 -3.43 -5.32
N GLY B 26 -14.22 -3.70 -4.86
CA GLY B 26 -13.03 -3.15 -5.48
C GLY B 26 -12.88 -3.64 -6.92
N ILE B 27 -13.21 -4.93 -7.12
CA ILE B 27 -13.17 -5.54 -8.44
C ILE B 27 -14.19 -4.84 -9.33
N ALA B 28 -15.39 -4.56 -8.79
CA ALA B 28 -16.44 -3.90 -9.54
C ALA B 28 -15.98 -2.50 -9.95
N GLN B 29 -15.33 -1.78 -9.03
CA GLN B 29 -14.83 -0.44 -9.30
C GLN B 29 -13.83 -0.47 -10.45
N ALA B 30 -12.89 -1.44 -10.43
CA ALA B 30 -11.86 -1.57 -11.46
C ALA B 30 -12.49 -1.90 -12.81
N MET B 31 -13.50 -2.78 -12.78
CA MET B 31 -14.16 -3.22 -13.99
C MET B 31 -14.97 -2.09 -14.57
N HIS B 32 -15.59 -1.28 -13.71
CA HIS B 32 -16.34 -0.11 -14.13
C HIS B 32 -15.39 0.85 -14.85
N ARG B 33 -14.25 1.11 -14.21
CA ARG B 33 -13.23 2.01 -14.74
C ARG B 33 -12.78 1.58 -16.13
N GLU B 34 -12.81 0.28 -16.45
CA GLU B 34 -12.35 -0.24 -17.72
C GLU B 34 -13.52 -0.44 -18.69
N GLY B 35 -14.70 0.09 -18.32
CA GLY B 35 -15.79 0.28 -19.27
C GLY B 35 -16.77 -0.88 -19.34
N ALA B 36 -16.83 -1.71 -18.29
CA ALA B 36 -17.76 -2.82 -18.24
C ALA B 36 -19.10 -2.34 -17.71
N GLU B 37 -20.20 -2.88 -18.25
CA GLU B 37 -21.51 -2.76 -17.64
C GLU B 37 -21.63 -3.87 -16.60
N LEU B 38 -22.11 -3.52 -15.40
CA LEU B 38 -22.13 -4.43 -14.26
C LEU B 38 -23.56 -4.70 -13.81
N ALA B 39 -23.74 -5.84 -13.15
CA ALA B 39 -24.94 -6.26 -12.43
C ALA B 39 -24.47 -6.83 -11.09
N PHE B 40 -25.28 -6.67 -10.03
CA PHE B 40 -24.87 -7.08 -8.71
C PHE B 40 -25.92 -7.99 -8.10
N THR B 41 -25.50 -8.89 -7.20
CA THR B 41 -26.41 -9.67 -6.38
C THR B 41 -26.25 -9.27 -4.91
N TYR B 42 -27.34 -9.34 -4.16
CA TYR B 42 -27.31 -9.23 -2.71
C TYR B 42 -27.68 -10.58 -2.09
N GLN B 43 -26.94 -10.95 -1.03
CA GLN B 43 -27.11 -12.21 -0.31
C GLN B 43 -28.42 -12.22 0.47
N ASN B 44 -28.63 -11.15 1.25
CA ASN B 44 -29.82 -11.04 2.08
C ASN B 44 -30.50 -9.70 1.85
N GLU B 45 -31.75 -9.61 2.28
CA GLU B 45 -32.62 -8.49 1.98
C GLU B 45 -32.14 -7.23 2.72
N LYS B 46 -31.42 -7.42 3.84
CA LYS B 46 -30.87 -6.32 4.62
C LYS B 46 -29.90 -5.49 3.77
N LEU B 47 -29.17 -6.19 2.87
CA LEU B 47 -28.10 -5.63 2.06
C LEU B 47 -28.63 -4.98 0.78
N LYS B 48 -29.86 -5.30 0.36
CA LYS B 48 -30.44 -4.88 -0.92
C LYS B 48 -30.22 -3.39 -1.15
N GLY B 49 -30.51 -2.57 -0.14
CA GLY B 49 -30.39 -1.13 -0.21
C GLY B 49 -28.95 -0.65 -0.41
N ARG B 50 -28.02 -1.18 0.41
CA ARG B 50 -26.60 -0.86 0.29
C ARG B 50 -26.12 -1.16 -1.13
N VAL B 51 -26.36 -2.40 -1.61
CA VAL B 51 -25.88 -2.88 -2.89
C VAL B 51 -26.46 -2.02 -4.03
N GLU B 52 -27.73 -1.60 -3.91
CA GLU B 52 -28.37 -0.73 -4.88
C GLU B 52 -27.69 0.63 -4.92
N GLU B 53 -27.25 1.14 -3.76
CA GLU B 53 -26.52 2.40 -3.67
C GLU B 53 -25.17 2.28 -4.36
N PHE B 54 -24.44 1.18 -4.09
CA PHE B 54 -23.11 0.96 -4.63
C PHE B 54 -23.20 0.79 -6.15
N ALA B 55 -24.21 0.00 -6.59
CA ALA B 55 -24.51 -0.25 -7.99
C ALA B 55 -24.78 1.07 -8.71
N ALA B 56 -25.62 1.93 -8.12
CA ALA B 56 -25.98 3.22 -8.68
C ALA B 56 -24.75 4.11 -8.83
N ALA B 57 -23.83 4.06 -7.85
CA ALA B 57 -22.56 4.77 -7.88
C ALA B 57 -21.76 4.44 -9.15
N LEU B 58 -21.94 3.22 -9.69
CA LEU B 58 -21.24 2.75 -10.89
C LEU B 58 -22.20 2.67 -12.09
N GLY B 59 -23.37 3.32 -11.98
CA GLY B 59 -24.31 3.47 -13.07
C GLY B 59 -25.09 2.19 -13.40
N SER B 60 -25.30 1.33 -12.40
CA SER B 60 -26.01 0.05 -12.59
C SER B 60 -27.36 0.04 -11.86
N ASP B 61 -28.37 -0.51 -12.56
CA ASP B 61 -29.75 -0.60 -12.12
C ASP B 61 -30.08 -2.07 -11.83
N ILE B 62 -29.19 -3.01 -12.20
CA ILE B 62 -29.46 -4.44 -12.08
C ILE B 62 -28.91 -4.94 -10.74
N VAL B 63 -29.79 -5.06 -9.75
CA VAL B 63 -29.44 -5.60 -8.44
C VAL B 63 -30.45 -6.69 -8.10
N LEU B 64 -29.99 -7.95 -8.08
CA LEU B 64 -30.87 -9.10 -7.96
C LEU B 64 -30.50 -9.90 -6.71
N PRO B 65 -31.46 -10.61 -6.07
CA PRO B 65 -31.14 -11.40 -4.89
C PRO B 65 -30.51 -12.71 -5.33
N CYS B 66 -29.53 -13.18 -4.55
CA CYS B 66 -29.08 -14.56 -4.69
C CYS B 66 -28.48 -15.05 -3.38
N ASP B 67 -29.05 -16.15 -2.87
CA ASP B 67 -28.40 -16.95 -1.86
C ASP B 67 -27.86 -18.19 -2.55
N VAL B 68 -26.53 -18.21 -2.79
CA VAL B 68 -25.84 -19.27 -3.49
C VAL B 68 -25.98 -20.61 -2.76
N ALA B 69 -26.41 -20.58 -1.48
CA ALA B 69 -26.71 -21.76 -0.69
C ALA B 69 -27.88 -22.56 -1.28
N GLU B 70 -28.88 -21.86 -1.86
CA GLU B 70 -30.11 -22.49 -2.34
C GLU B 70 -30.15 -22.50 -3.87
N ASP B 71 -30.40 -23.69 -4.46
CA ASP B 71 -30.28 -23.90 -5.90
C ASP B 71 -31.35 -23.13 -6.67
N GLU B 72 -32.54 -23.00 -6.06
CA GLU B 72 -33.67 -22.31 -6.68
C GLU B 72 -33.37 -20.81 -6.79
N SER B 73 -32.62 -20.24 -5.83
CA SER B 73 -32.26 -18.83 -5.80
C SER B 73 -31.34 -18.47 -6.96
N ILE B 74 -30.43 -19.41 -7.29
CA ILE B 74 -29.51 -19.28 -8.40
C ILE B 74 -30.28 -19.31 -9.72
N THR B 75 -31.14 -20.32 -9.89
CA THR B 75 -32.00 -20.46 -11.07
C THR B 75 -32.84 -19.21 -11.27
N ALA B 76 -33.37 -18.66 -10.17
CA ALA B 76 -34.21 -17.48 -10.14
C ALA B 76 -33.41 -16.27 -10.60
N LEU B 77 -32.19 -16.13 -10.07
CA LEU B 77 -31.29 -15.05 -10.43
C LEU B 77 -31.14 -14.93 -11.94
N PHE B 78 -30.80 -16.04 -12.60
CA PHE B 78 -30.50 -16.04 -14.02
C PHE B 78 -31.77 -15.91 -14.86
N THR B 79 -32.92 -16.31 -14.29
CA THR B 79 -34.23 -16.12 -14.90
C THR B 79 -34.55 -14.63 -14.97
N GLU B 80 -34.29 -13.92 -13.86
CA GLU B 80 -34.52 -12.49 -13.74
C GLU B 80 -33.51 -11.71 -14.58
N LEU B 81 -32.26 -12.20 -14.61
CA LEU B 81 -31.17 -11.50 -15.27
C LEU B 81 -31.41 -11.49 -16.78
N GLU B 82 -31.91 -12.61 -17.34
CA GLU B 82 -32.13 -12.77 -18.77
C GLU B 82 -33.13 -11.75 -19.32
N LYS B 83 -33.94 -11.17 -18.42
CA LYS B 83 -34.98 -10.21 -18.77
C LYS B 83 -34.36 -8.87 -19.15
N VAL B 84 -33.17 -8.55 -18.60
CA VAL B 84 -32.49 -7.29 -18.86
C VAL B 84 -31.18 -7.53 -19.66
N TRP B 85 -30.47 -8.61 -19.35
CA TRP B 85 -29.28 -9.07 -20.05
C TRP B 85 -29.55 -10.46 -20.64
N PRO B 86 -30.16 -10.54 -21.84
CA PRO B 86 -30.45 -11.84 -22.43
C PRO B 86 -29.17 -12.66 -22.63
N LYS B 87 -28.04 -11.96 -22.86
CA LYS B 87 -26.70 -12.49 -22.99
C LYS B 87 -25.73 -11.59 -22.23
N PHE B 88 -24.73 -12.21 -21.58
CA PHE B 88 -23.70 -11.50 -20.83
C PHE B 88 -22.37 -12.23 -20.95
N ASP B 89 -21.29 -11.64 -20.41
CA ASP B 89 -19.93 -12.05 -20.73
C ASP B 89 -19.21 -12.62 -19.52
N GLY B 90 -19.95 -13.05 -18.50
CA GLY B 90 -19.36 -13.76 -17.37
C GLY B 90 -19.65 -13.10 -16.03
N PHE B 91 -19.12 -13.71 -14.96
CA PHE B 91 -19.40 -13.24 -13.61
C PHE B 91 -18.20 -13.47 -12.69
N VAL B 92 -18.17 -12.66 -11.63
CA VAL B 92 -17.20 -12.75 -10.55
C VAL B 92 -17.92 -13.36 -9.33
N HIS B 93 -17.41 -14.50 -8.87
CA HIS B 93 -17.96 -15.27 -7.77
C HIS B 93 -17.11 -15.04 -6.53
N SER B 94 -17.65 -14.26 -5.58
CA SER B 94 -16.97 -13.91 -4.34
C SER B 94 -17.84 -14.19 -3.12
N ILE B 95 -17.80 -15.45 -2.65
CA ILE B 95 -18.47 -15.96 -1.46
C ILE B 95 -17.43 -16.48 -0.47
N GLY B 96 -17.65 -16.25 0.83
CA GLY B 96 -16.68 -16.49 1.91
C GLY B 96 -16.70 -17.90 2.49
N PHE B 97 -16.04 -18.11 3.65
CA PHE B 97 -15.77 -19.45 4.18
C PHE B 97 -17.09 -20.21 4.39
N VAL B 111 -5.62 -29.20 13.86
CA VAL B 111 -4.98 -30.46 13.39
C VAL B 111 -5.59 -30.83 12.02
N THR B 112 -6.43 -31.89 12.06
CA THR B 112 -7.32 -32.32 11.00
C THR B 112 -8.70 -31.69 11.30
N ARG B 113 -8.75 -30.35 11.21
CA ARG B 113 -9.99 -29.56 11.16
C ARG B 113 -10.85 -29.94 9.94
N ASP B 114 -10.23 -30.09 8.77
CA ASP B 114 -10.79 -30.55 7.50
C ASP B 114 -11.46 -31.93 7.63
N GLY B 115 -11.08 -32.71 8.65
CA GLY B 115 -11.83 -33.90 9.04
C GLY B 115 -13.27 -33.51 9.36
N PHE B 116 -13.41 -32.45 10.18
CA PHE B 116 -14.67 -31.92 10.70
C PHE B 116 -15.60 -31.44 9.57
N LYS B 117 -16.85 -31.13 9.93
CA LYS B 117 -17.90 -30.76 8.98
C LYS B 117 -17.73 -29.32 8.52
N ILE B 118 -16.61 -29.05 7.82
CA ILE B 118 -16.41 -27.79 7.10
C ILE B 118 -17.39 -27.82 5.93
N ALA B 119 -18.59 -27.26 6.19
CA ALA B 119 -19.69 -27.27 5.25
C ALA B 119 -19.50 -26.16 4.20
N HIS B 120 -18.28 -25.61 4.03
CA HIS B 120 -17.92 -24.86 2.82
C HIS B 120 -18.04 -25.84 1.65
N ASP B 121 -17.08 -25.85 0.69
CA ASP B 121 -17.24 -26.71 -0.47
C ASP B 121 -18.61 -26.36 -1.10
N ILE B 122 -19.43 -25.63 -0.33
CA ILE B 122 -20.57 -24.85 -0.81
C ILE B 122 -20.06 -23.74 -1.72
N SER B 123 -18.90 -23.14 -1.41
CA SER B 123 -18.26 -22.12 -2.21
C SER B 123 -17.75 -22.67 -3.55
N ALA B 124 -17.27 -23.92 -3.53
CA ALA B 124 -16.87 -24.65 -4.72
C ALA B 124 -18.11 -25.02 -5.54
N TYR B 125 -19.13 -25.53 -4.85
CA TYR B 125 -20.36 -25.97 -5.50
C TYR B 125 -21.06 -24.79 -6.16
N SER B 126 -21.28 -23.69 -5.43
CA SER B 126 -22.02 -22.55 -5.96
C SER B 126 -21.37 -22.01 -7.24
N PHE B 127 -20.05 -22.16 -7.36
CA PHE B 127 -19.35 -21.65 -8.53
C PHE B 127 -19.74 -22.46 -9.76
N VAL B 128 -19.76 -23.79 -9.63
CA VAL B 128 -20.11 -24.65 -10.77
C VAL B 128 -21.62 -24.61 -11.01
N ALA B 129 -22.41 -24.42 -9.94
CA ALA B 129 -23.86 -24.29 -10.02
C ALA B 129 -24.23 -23.09 -10.87
N MET B 130 -23.64 -21.93 -10.56
CA MET B 130 -23.91 -20.67 -11.24
C MET B 130 -23.50 -20.78 -12.70
N ALA B 131 -22.40 -21.48 -12.98
CA ALA B 131 -21.91 -21.72 -14.32
C ALA B 131 -22.95 -22.50 -15.14
N LYS B 132 -23.49 -23.58 -14.54
CA LYS B 132 -24.51 -24.41 -15.17
C LYS B 132 -25.76 -23.58 -15.43
N ALA B 133 -26.09 -22.70 -14.49
CA ALA B 133 -27.34 -21.96 -14.48
C ALA B 133 -27.38 -20.89 -15.57
N CYS B 134 -26.22 -20.27 -15.86
CA CYS B 134 -26.14 -19.18 -16.82
C CYS B 134 -25.45 -19.62 -18.12
N ARG B 135 -25.24 -20.94 -18.27
CA ARG B 135 -24.46 -21.52 -19.36
C ARG B 135 -24.94 -21.02 -20.73
N GLY B 136 -26.26 -20.92 -20.90
CA GLY B 136 -26.83 -20.58 -22.19
C GLY B 136 -26.78 -19.08 -22.49
N MET B 137 -26.57 -18.25 -21.46
CA MET B 137 -26.59 -16.81 -21.58
C MET B 137 -25.18 -16.26 -21.85
N LEU B 138 -24.15 -17.12 -21.81
CA LEU B 138 -22.78 -16.67 -21.93
C LEU B 138 -22.41 -16.49 -23.40
N ASN B 139 -21.90 -15.30 -23.74
CA ASN B 139 -21.39 -15.02 -25.07
C ASN B 139 -20.08 -15.79 -25.30
N PRO B 140 -19.65 -15.99 -26.56
CA PRO B 140 -18.35 -16.58 -26.81
C PRO B 140 -17.35 -15.52 -26.32
N GLY B 141 -16.28 -15.97 -25.66
CA GLY B 141 -15.31 -15.05 -25.10
C GLY B 141 -15.58 -14.69 -23.63
N SER B 142 -16.65 -15.26 -23.06
CA SER B 142 -16.99 -15.10 -21.67
C SER B 142 -15.87 -15.62 -20.77
N ALA B 143 -15.84 -15.12 -19.53
CA ALA B 143 -14.88 -15.53 -18.52
C ALA B 143 -15.56 -15.52 -17.16
N LEU B 144 -15.48 -16.64 -16.45
CA LEU B 144 -15.94 -16.75 -15.07
C LEU B 144 -14.72 -16.67 -14.16
N LEU B 145 -14.87 -15.97 -13.03
CA LEU B 145 -13.75 -15.79 -12.10
C LEU B 145 -14.26 -16.02 -10.68
N THR B 146 -13.52 -16.84 -9.92
CA THR B 146 -13.83 -17.07 -8.51
C THR B 146 -12.69 -16.50 -7.66
N LEU B 147 -13.06 -15.83 -6.57
CA LEU B 147 -12.12 -15.18 -5.67
C LEU B 147 -11.95 -16.03 -4.41
N SER B 148 -10.71 -16.16 -3.96
CA SER B 148 -10.37 -16.77 -2.68
C SER B 148 -9.50 -15.76 -1.92
N TYR B 149 -9.64 -15.68 -0.60
CA TYR B 149 -8.94 -14.68 0.22
C TYR B 149 -8.57 -15.25 1.60
N LEU B 150 -7.36 -14.89 2.08
CA LEU B 150 -6.86 -15.18 3.43
C LEU B 150 -6.56 -13.89 4.18
N GLY B 151 -7.31 -13.63 5.26
CA GLY B 151 -7.20 -12.45 6.10
C GLY B 151 -5.89 -12.43 6.87
N MET B 162 -3.70 -26.26 7.29
CA MET B 162 -4.73 -26.58 8.32
C MET B 162 -6.04 -25.82 8.06
N GLY B 163 -6.00 -24.77 7.23
CA GLY B 163 -7.06 -23.77 7.28
C GLY B 163 -7.35 -23.14 5.93
N LEU B 164 -8.20 -23.86 5.18
CA LEU B 164 -8.77 -23.46 3.89
C LEU B 164 -7.68 -23.17 2.85
N ALA B 165 -6.53 -23.84 3.01
CA ALA B 165 -5.38 -23.82 2.11
C ALA B 165 -4.48 -25.01 2.45
N LYS B 166 -5.05 -26.24 2.33
CA LYS B 166 -4.35 -27.51 2.49
C LYS B 166 -4.87 -28.51 1.45
N ALA B 167 -5.87 -29.34 1.83
CA ALA B 167 -6.67 -30.15 0.91
C ALA B 167 -7.67 -29.27 0.14
N SER B 168 -7.69 -27.96 0.41
CA SER B 168 -8.70 -27.03 -0.07
C SER B 168 -8.42 -26.61 -1.52
N LEU B 169 -7.13 -26.51 -1.87
CA LEU B 169 -6.73 -26.22 -3.25
C LEU B 169 -7.12 -27.40 -4.17
N GLU B 170 -7.87 -27.07 -5.22
CA GLU B 170 -8.66 -27.99 -6.01
C GLU B 170 -8.47 -27.71 -7.52
N ALA B 171 -8.90 -28.69 -8.33
CA ALA B 171 -8.95 -28.63 -9.78
C ALA B 171 -10.41 -28.48 -10.23
N ASN B 172 -11.26 -27.94 -9.35
CA ASN B 172 -12.59 -27.47 -9.74
C ASN B 172 -12.48 -26.46 -10.88
N VAL B 173 -11.57 -25.47 -10.76
CA VAL B 173 -11.31 -24.48 -11.78
C VAL B 173 -10.83 -25.15 -13.08
N ARG B 174 -9.93 -26.15 -12.94
CA ARG B 174 -9.35 -26.89 -14.04
C ARG B 174 -10.44 -27.63 -14.81
N TYR B 175 -11.33 -28.33 -14.06
CA TYR B 175 -12.38 -29.14 -14.66
C TYR B 175 -13.45 -28.27 -15.30
N MET B 176 -13.73 -27.11 -14.68
CA MET B 176 -14.71 -26.18 -15.22
C MET B 176 -14.21 -25.61 -16.54
N ALA B 177 -12.92 -25.26 -16.58
CA ALA B 177 -12.30 -24.65 -17.74
C ALA B 177 -12.31 -25.61 -18.91
N ASN B 178 -12.03 -26.90 -18.65
CA ASN B 178 -12.00 -27.92 -19.69
C ASN B 178 -13.39 -28.18 -20.26
N ALA B 179 -14.43 -28.02 -19.40
CA ALA B 179 -15.81 -28.26 -19.78
C ALA B 179 -16.32 -27.15 -20.67
N MET B 180 -16.02 -25.90 -20.30
CA MET B 180 -16.64 -24.73 -20.89
C MET B 180 -15.74 -24.09 -21.95
N GLY B 181 -14.47 -24.51 -22.01
CA GLY B 181 -13.54 -23.99 -22.98
C GLY B 181 -14.05 -24.15 -24.40
N PRO B 182 -14.44 -25.38 -24.82
CA PRO B 182 -14.91 -25.62 -26.18
C PRO B 182 -16.05 -24.73 -26.67
N GLU B 183 -16.81 -24.13 -25.74
CA GLU B 183 -17.91 -23.26 -26.11
C GLU B 183 -17.54 -21.77 -25.90
N GLY B 184 -16.24 -21.50 -25.73
CA GLY B 184 -15.70 -20.15 -25.74
C GLY B 184 -15.63 -19.47 -24.37
N VAL B 185 -15.84 -20.23 -23.29
CA VAL B 185 -15.90 -19.65 -21.95
C VAL B 185 -14.62 -20.03 -21.18
N ARG B 186 -13.95 -19.03 -20.59
CA ARG B 186 -12.76 -19.26 -19.78
C ARG B 186 -13.14 -19.24 -18.30
N VAL B 187 -12.42 -19.99 -17.49
CA VAL B 187 -12.68 -20.09 -16.06
C VAL B 187 -11.36 -20.00 -15.33
N ASN B 188 -11.26 -19.06 -14.36
CA ASN B 188 -10.05 -18.85 -13.59
C ASN B 188 -10.43 -18.47 -12.18
N ALA B 189 -9.43 -18.45 -11.28
CA ALA B 189 -9.59 -18.02 -9.90
C ALA B 189 -8.47 -17.07 -9.52
N ILE B 190 -8.77 -16.11 -8.63
CA ILE B 190 -7.74 -15.32 -7.98
C ILE B 190 -7.62 -15.75 -6.52
N SER B 191 -6.42 -16.18 -6.13
CA SER B 191 -6.05 -16.41 -4.74
C SER B 191 -5.30 -15.17 -4.24
N ALA B 192 -6.01 -14.28 -3.52
CA ALA B 192 -5.45 -13.03 -3.03
C ALA B 192 -4.86 -13.22 -1.64
N GLY B 193 -3.69 -12.61 -1.41
CA GLY B 193 -3.05 -12.51 -0.10
C GLY B 193 -3.74 -11.48 0.78
N PRO B 194 -3.16 -11.07 1.93
CA PRO B 194 -3.78 -10.07 2.81
C PRO B 194 -4.00 -8.72 2.11
N ILE B 195 -5.23 -8.21 2.15
CA ILE B 195 -5.63 -7.02 1.41
C ILE B 195 -5.68 -5.81 2.33
N ARG B 196 -4.76 -4.86 2.09
CA ARG B 196 -4.62 -3.63 2.85
C ARG B 196 -5.97 -2.89 2.87
N THR B 197 -6.37 -2.44 4.07
CA THR B 197 -7.68 -1.87 4.35
C THR B 197 -7.86 -0.54 3.62
N LEU B 198 -6.85 0.34 3.73
CA LEU B 198 -6.79 1.66 3.12
C LEU B 198 -8.18 2.07 2.60
N PRO B 218 8.41 -16.26 7.85
CA PRO B 218 7.73 -15.88 6.59
C PRO B 218 8.03 -14.46 6.13
N ILE B 219 7.93 -14.24 4.82
CA ILE B 219 8.04 -12.93 4.17
C ILE B 219 6.66 -12.27 4.06
N ARG B 220 6.42 -11.26 4.91
CA ARG B 220 5.18 -10.50 4.95
C ARG B 220 5.00 -9.69 3.65
N ARG B 221 3.78 -9.75 3.10
CA ARG B 221 3.36 -9.09 1.86
C ARG B 221 1.89 -8.65 1.97
N THR B 222 1.55 -7.52 1.35
CA THR B 222 0.19 -7.00 1.38
C THR B 222 -0.22 -6.58 -0.03
N VAL B 223 -1.46 -6.89 -0.42
CA VAL B 223 -2.03 -6.55 -1.72
C VAL B 223 -2.89 -5.31 -1.48
N THR B 224 -2.97 -4.43 -2.48
CA THR B 224 -3.89 -3.32 -2.42
C THR B 224 -5.20 -3.78 -3.07
N ILE B 225 -6.34 -3.18 -2.72
CA ILE B 225 -7.60 -3.59 -3.33
C ILE B 225 -7.56 -3.30 -4.82
N GLU B 226 -6.80 -2.26 -5.19
CA GLU B 226 -6.63 -1.83 -6.57
C GLU B 226 -5.92 -2.93 -7.35
N ASP B 227 -4.92 -3.55 -6.72
CA ASP B 227 -4.13 -4.64 -7.31
C ASP B 227 -5.02 -5.84 -7.61
N VAL B 228 -5.86 -6.24 -6.64
CA VAL B 228 -6.79 -7.34 -6.81
C VAL B 228 -7.76 -7.00 -7.94
N GLY B 229 -8.27 -5.76 -7.90
CA GLY B 229 -9.28 -5.31 -8.86
C GLY B 229 -8.78 -5.40 -10.30
N ASN B 230 -7.55 -4.95 -10.52
CA ASN B 230 -7.00 -4.88 -11.87
C ASN B 230 -6.70 -6.27 -12.40
N SER B 231 -6.22 -7.18 -11.53
CA SER B 231 -5.98 -8.56 -11.91
C SER B 231 -7.30 -9.23 -12.29
N ALA B 232 -8.34 -8.97 -11.49
CA ALA B 232 -9.68 -9.47 -11.76
C ALA B 232 -10.19 -8.92 -13.09
N ALA B 233 -10.04 -7.61 -13.31
CA ALA B 233 -10.50 -6.96 -14.52
C ALA B 233 -9.81 -7.60 -15.72
N PHE B 234 -8.48 -7.79 -15.62
CA PHE B 234 -7.67 -8.40 -16.66
C PHE B 234 -8.18 -9.81 -16.97
N LEU B 235 -8.42 -10.61 -15.93
CA LEU B 235 -8.80 -12.00 -16.08
C LEU B 235 -10.22 -12.17 -16.63
N CYS B 236 -10.96 -11.06 -16.75
CA CYS B 236 -12.31 -11.10 -17.31
C CYS B 236 -12.36 -10.42 -18.67
N SER B 237 -11.20 -9.87 -19.10
CA SER B 237 -11.06 -9.16 -20.37
C SER B 237 -10.46 -10.10 -21.41
N ASN B 238 -10.44 -9.67 -22.67
CA ASN B 238 -9.86 -10.47 -23.75
C ASN B 238 -8.32 -10.44 -23.69
N LEU B 239 -7.72 -9.55 -22.89
CA LEU B 239 -6.27 -9.53 -22.71
C LEU B 239 -5.79 -10.89 -22.17
N SER B 240 -6.65 -11.53 -21.35
CA SER B 240 -6.30 -12.76 -20.67
C SER B 240 -6.81 -14.00 -21.42
N ALA B 241 -7.07 -13.86 -22.73
CA ALA B 241 -7.70 -14.88 -23.55
C ALA B 241 -6.89 -16.18 -23.58
N GLY B 242 -5.58 -16.09 -23.39
CA GLY B 242 -4.74 -17.27 -23.37
C GLY B 242 -4.67 -17.95 -22.01
N ILE B 243 -5.41 -17.41 -21.01
CA ILE B 243 -5.39 -17.93 -19.65
C ILE B 243 -6.76 -18.53 -19.31
N SER B 244 -6.82 -19.85 -19.13
CA SER B 244 -8.01 -20.52 -18.62
C SER B 244 -7.62 -21.74 -17.77
N GLY B 245 -8.47 -22.04 -16.78
CA GLY B 245 -8.31 -23.14 -15.86
C GLY B 245 -7.18 -22.94 -14.86
N GLU B 246 -6.94 -21.68 -14.50
CA GLU B 246 -5.75 -21.29 -13.76
C GLU B 246 -6.15 -20.61 -12.45
N VAL B 247 -5.30 -20.76 -11.42
CA VAL B 247 -5.48 -20.02 -10.17
C VAL B 247 -4.31 -19.05 -10.06
N VAL B 248 -4.60 -17.74 -10.25
CA VAL B 248 -3.60 -16.68 -10.25
C VAL B 248 -3.44 -16.19 -8.82
N HIS B 249 -2.19 -16.24 -8.30
CA HIS B 249 -1.86 -15.81 -6.96
C HIS B 249 -1.49 -14.33 -6.99
N VAL B 250 -2.32 -13.52 -6.32
CA VAL B 250 -2.09 -12.08 -6.21
C VAL B 250 -1.74 -11.79 -4.75
N ASP B 251 -0.45 -11.89 -4.40
CA ASP B 251 0.02 -11.72 -3.03
C ASP B 251 0.83 -10.45 -2.88
N GLY B 252 1.43 -9.99 -3.99
CA GLY B 252 2.61 -9.13 -4.04
C GLY B 252 2.42 -7.83 -3.27
N GLY B 253 3.54 -7.27 -2.82
CA GLY B 253 3.57 -6.05 -2.02
C GLY B 253 4.51 -6.20 -0.83
N PHE B 254 5.82 -6.09 -1.09
CA PHE B 254 6.85 -6.22 -0.07
C PHE B 254 7.03 -4.91 0.72
N ASN B 255 7.75 -5.02 1.85
CA ASN B 255 8.16 -3.88 2.65
C ASN B 255 9.68 -3.72 2.56
N ILE B 256 10.20 -2.58 3.00
CA ILE B 256 11.61 -2.25 2.80
C ILE B 256 12.43 -2.79 3.98
N ALA B 257 13.72 -3.03 3.77
CA ALA B 257 14.65 -3.36 4.86
C ALA B 257 15.50 -2.12 5.22
N GLY C 5 -7.60 23.56 4.90
CA GLY C 5 -6.61 23.00 5.83
C GLY C 5 -6.56 21.47 5.77
N PHE C 6 -5.79 20.86 6.68
CA PHE C 6 -5.48 19.43 6.60
C PHE C 6 -6.62 18.56 7.07
N LEU C 7 -7.75 19.18 7.44
CA LEU C 7 -8.96 18.50 7.87
C LEU C 7 -10.12 18.76 6.93
N SER C 8 -9.83 19.35 5.76
CA SER C 8 -10.85 19.61 4.73
C SER C 8 -11.43 18.29 4.26
N GLY C 9 -12.76 18.18 4.26
CA GLY C 9 -13.43 16.96 3.86
C GLY C 9 -14.00 16.21 5.05
N LYS C 10 -13.42 16.43 6.23
CA LYS C 10 -13.77 15.69 7.44
C LYS C 10 -15.00 16.28 8.12
N ARG C 11 -15.83 15.38 8.67
CA ARG C 11 -16.93 15.70 9.55
C ARG C 11 -16.68 15.05 10.90
N ILE C 12 -16.39 15.87 11.92
CA ILE C 12 -15.95 15.40 13.22
C ILE C 12 -16.87 15.92 14.33
N LEU C 13 -17.29 15.01 15.23
CA LEU C 13 -18.14 15.32 16.37
C LEU C 13 -17.26 15.59 17.59
N ILE C 14 -17.47 16.73 18.25
CA ILE C 14 -16.72 17.14 19.43
C ILE C 14 -17.62 17.02 20.65
N THR C 15 -17.25 16.19 21.62
CA THR C 15 -17.98 16.12 22.88
C THR C 15 -17.14 16.75 23.97
N GLY C 16 -17.79 17.40 24.94
CA GLY C 16 -17.10 17.92 26.10
C GLY C 16 -16.84 19.43 26.05
N VAL C 17 -17.51 20.15 25.13
CA VAL C 17 -17.49 21.60 25.16
C VAL C 17 -18.51 22.07 26.20
N ALA C 18 -18.03 22.85 27.18
CA ALA C 18 -18.87 23.39 28.24
C ALA C 18 -18.61 24.90 28.40
N SER C 19 -17.39 25.33 28.09
CA SER C 19 -17.02 26.73 28.12
C SER C 19 -15.92 26.98 27.09
N LYS C 20 -15.62 28.26 26.84
CA LYS C 20 -14.56 28.68 25.93
C LYS C 20 -13.18 28.30 26.48
N LEU C 21 -13.11 27.86 27.74
CA LEU C 21 -11.86 27.45 28.36
C LEU C 21 -11.68 25.93 28.29
N SER C 22 -12.76 25.19 27.93
CA SER C 22 -12.73 23.74 27.78
C SER C 22 -11.60 23.34 26.83
N ILE C 23 -10.92 22.25 27.18
CA ILE C 23 -9.87 21.69 26.34
C ILE C 23 -10.48 21.28 25.00
N ALA C 24 -11.72 20.74 25.03
CA ALA C 24 -12.43 20.27 23.85
C ALA C 24 -12.75 21.44 22.93
N TYR C 25 -12.90 22.64 23.50
CA TYR C 25 -13.23 23.82 22.73
C TYR C 25 -12.02 24.24 21.91
N GLY C 26 -10.83 24.17 22.50
CA GLY C 26 -9.60 24.50 21.78
C GLY C 26 -9.33 23.52 20.65
N ILE C 27 -9.66 22.24 20.88
CA ILE C 27 -9.57 21.21 19.86
C ILE C 27 -10.51 21.57 18.71
N ALA C 28 -11.75 21.99 19.05
CA ALA C 28 -12.75 22.35 18.05
C ALA C 28 -12.27 23.53 17.23
N GLN C 29 -11.69 24.53 17.90
CA GLN C 29 -11.17 25.70 17.22
C GLN C 29 -10.08 25.32 16.22
N ALA C 30 -9.17 24.44 16.64
CA ALA C 30 -8.05 23.97 15.82
C ALA C 30 -8.57 23.21 14.58
N MET C 31 -9.58 22.36 14.83
CA MET C 31 -10.13 21.53 13.79
C MET C 31 -10.92 22.38 12.80
N HIS C 32 -11.60 23.43 13.30
CA HIS C 32 -12.32 24.36 12.46
C HIS C 32 -11.32 25.05 11.54
N ARG C 33 -10.24 25.54 12.14
CA ARG C 33 -9.18 26.27 11.44
C ARG C 33 -8.61 25.43 10.30
N GLU C 34 -8.62 24.10 10.45
CA GLU C 34 -8.03 23.20 9.45
C GLU C 34 -9.10 22.66 8.52
N GLY C 35 -10.32 23.23 8.58
CA GLY C 35 -11.33 23.07 7.54
C GLY C 35 -12.27 21.90 7.76
N ALA C 36 -12.42 21.46 9.01
CA ALA C 36 -13.35 20.38 9.33
C ALA C 36 -14.75 20.97 9.55
N GLU C 37 -15.77 20.21 9.12
CA GLU C 37 -17.13 20.44 9.57
C GLU C 37 -17.31 19.75 10.92
N LEU C 38 -17.90 20.47 11.88
CA LEU C 38 -18.00 19.98 13.25
C LEU C 38 -19.46 19.82 13.65
N ALA C 39 -19.68 18.96 14.65
CA ALA C 39 -20.91 18.77 15.39
C ALA C 39 -20.55 18.72 16.87
N PHE C 40 -21.44 19.20 17.75
CA PHE C 40 -21.16 19.27 19.17
C PHE C 40 -22.25 18.58 19.97
N THR C 41 -21.90 18.08 21.15
CA THR C 41 -22.88 17.58 22.09
C THR C 41 -22.87 18.44 23.35
N TYR C 42 -24.05 18.59 23.98
CA TYR C 42 -24.19 19.19 25.30
C TYR C 42 -24.64 18.11 26.28
N GLN C 43 -24.06 18.13 27.49
CA GLN C 43 -24.32 17.14 28.54
C GLN C 43 -25.71 17.36 29.11
N ASN C 44 -26.00 18.61 29.51
CA ASN C 44 -27.24 18.95 30.17
C ASN C 44 -27.87 20.14 29.47
N GLU C 45 -29.15 20.36 29.79
CA GLU C 45 -29.99 21.34 29.10
C GLU C 45 -29.51 22.76 29.38
N LYS C 46 -28.86 22.96 30.55
CA LYS C 46 -28.34 24.26 30.96
C LYS C 46 -27.31 24.75 29.94
N LEU C 47 -26.52 23.81 29.38
CA LEU C 47 -25.39 24.08 28.53
C LEU C 47 -25.81 24.31 27.07
N LYS C 48 -27.02 23.84 26.69
CA LYS C 48 -27.48 23.80 25.31
C LYS C 48 -27.25 25.13 24.60
N GLY C 49 -27.62 26.23 25.26
CA GLY C 49 -27.49 27.57 24.68
C GLY C 49 -26.05 27.99 24.45
N ARG C 50 -25.18 27.81 25.47
CA ARG C 50 -23.77 28.11 25.35
C ARG C 50 -23.14 27.34 24.17
N VAL C 51 -23.36 26.02 24.13
CA VAL C 51 -22.77 25.15 23.13
C VAL C 51 -23.24 25.55 21.73
N GLU C 52 -24.51 25.94 21.60
CA GLU C 52 -25.08 26.40 20.34
C GLU C 52 -24.38 27.67 19.88
N GLU C 53 -24.06 28.57 20.83
CA GLU C 53 -23.35 29.81 20.54
C GLU C 53 -21.93 29.51 20.06
N PHE C 54 -21.23 28.60 20.76
CA PHE C 54 -19.86 28.25 20.43
C PHE C 54 -19.80 27.55 19.08
N ALA C 55 -20.76 26.64 18.83
CA ALA C 55 -20.91 25.92 17.57
C ALA C 55 -21.12 26.91 16.42
N ALA C 56 -22.00 27.90 16.62
CA ALA C 56 -22.30 28.92 15.63
C ALA C 56 -21.05 29.75 15.31
N ALA C 57 -20.25 30.06 16.35
CA ALA C 57 -18.98 30.74 16.21
C ALA C 57 -18.05 30.04 15.21
N LEU C 58 -18.19 28.71 15.08
CA LEU C 58 -17.38 27.88 14.18
C LEU C 58 -18.22 27.39 13.00
N GLY C 59 -19.37 28.02 12.76
CA GLY C 59 -20.22 27.76 11.60
C GLY C 59 -20.94 26.41 11.62
N SER C 60 -21.24 25.90 12.83
CA SER C 60 -21.92 24.62 13.01
C SER C 60 -23.33 24.80 13.57
N ASP C 61 -24.27 24.03 12.99
CA ASP C 61 -25.68 24.04 13.33
C ASP C 61 -26.05 22.76 14.10
N ILE C 62 -25.13 21.78 14.14
CA ILE C 62 -25.42 20.47 14.71
C ILE C 62 -24.97 20.45 16.17
N VAL C 63 -25.95 20.64 17.06
CA VAL C 63 -25.72 20.60 18.50
C VAL C 63 -26.76 19.63 19.07
N LEU C 64 -26.29 18.49 19.58
CA LEU C 64 -27.16 17.40 20.00
C LEU C 64 -26.93 17.12 21.49
N PRO C 65 -27.96 16.66 22.24
CA PRO C 65 -27.79 16.31 23.64
C PRO C 65 -27.14 14.93 23.72
N CYS C 66 -26.26 14.76 24.71
CA CYS C 66 -25.71 13.44 25.01
C CYS C 66 -25.13 13.42 26.42
N ASP C 67 -25.59 12.45 27.22
CA ASP C 67 -24.94 12.06 28.45
C ASP C 67 -24.19 10.76 28.19
N VAL C 68 -22.86 10.83 28.05
CA VAL C 68 -22.02 9.66 27.74
C VAL C 68 -22.09 8.60 28.84
N ALA C 69 -22.62 8.97 30.02
CA ALA C 69 -22.83 8.04 31.12
C ALA C 69 -23.94 7.03 30.79
N GLU C 70 -24.92 7.41 29.95
CA GLU C 70 -26.06 6.54 29.63
C GLU C 70 -25.95 6.01 28.20
N ASP C 71 -26.01 4.69 28.01
CA ASP C 71 -25.87 4.06 26.71
C ASP C 71 -27.01 4.43 25.77
N GLU C 72 -28.23 4.64 26.31
CA GLU C 72 -29.37 4.97 25.46
C GLU C 72 -29.22 6.38 24.87
N SER C 73 -28.57 7.29 25.64
CA SER C 73 -28.35 8.67 25.23
C SER C 73 -27.39 8.74 24.03
N ILE C 74 -26.39 7.85 24.06
CA ILE C 74 -25.40 7.70 23.00
C ILE C 74 -26.09 7.16 21.73
N THR C 75 -26.88 6.07 21.86
CA THR C 75 -27.63 5.52 20.75
C THR C 75 -28.55 6.58 20.12
N ALA C 76 -29.18 7.41 20.97
CA ALA C 76 -30.08 8.46 20.56
C ALA C 76 -29.32 9.51 19.77
N LEU C 77 -28.15 9.91 20.29
CA LEU C 77 -27.29 10.90 19.66
C LEU C 77 -27.00 10.52 18.21
N PHE C 78 -26.56 9.27 17.99
CA PHE C 78 -26.16 8.80 16.67
C PHE C 78 -27.35 8.58 15.76
N THR C 79 -28.53 8.34 16.33
CA THR C 79 -29.79 8.25 15.60
C THR C 79 -30.14 9.61 15.01
N GLU C 80 -29.97 10.66 15.84
CA GLU C 80 -30.23 12.04 15.48
C GLU C 80 -29.19 12.54 14.49
N LEU C 81 -27.93 12.13 14.71
CA LEU C 81 -26.80 12.62 13.93
C LEU C 81 -26.92 12.13 12.48
N GLU C 82 -27.36 10.87 12.30
CA GLU C 82 -27.46 10.22 11.00
C GLU C 82 -28.43 10.99 10.07
N LYS C 83 -29.31 11.80 10.67
CA LYS C 83 -30.33 12.55 9.94
C LYS C 83 -29.71 13.73 9.18
N VAL C 84 -28.56 14.23 9.66
CA VAL C 84 -27.86 15.36 9.03
C VAL C 84 -26.51 14.92 8.46
N TRP C 85 -25.81 14.01 9.17
CA TRP C 85 -24.56 13.39 8.76
C TRP C 85 -24.78 11.89 8.64
N PRO C 86 -25.30 11.39 7.50
CA PRO C 86 -25.52 9.96 7.36
C PRO C 86 -24.21 9.18 7.51
N LYS C 87 -23.09 9.83 7.11
CA LYS C 87 -21.73 9.31 7.29
C LYS C 87 -20.84 10.45 7.80
N PHE C 88 -19.89 10.11 8.70
CA PHE C 88 -18.95 11.08 9.26
C PHE C 88 -17.59 10.40 9.51
N ASP C 89 -16.59 11.18 9.92
CA ASP C 89 -15.21 10.75 9.88
C ASP C 89 -14.61 10.64 11.27
N GLY C 90 -15.43 10.53 12.31
CA GLY C 90 -14.94 10.27 13.66
C GLY C 90 -15.35 11.33 14.68
N PHE C 91 -14.89 11.15 15.92
CA PHE C 91 -15.27 12.03 17.02
C PHE C 91 -14.15 12.16 18.04
N VAL C 92 -14.19 13.28 18.79
CA VAL C 92 -13.34 13.56 19.93
C VAL C 92 -14.18 13.36 21.20
N HIS C 93 -13.71 12.43 22.05
CA HIS C 93 -14.36 12.05 23.29
C HIS C 93 -13.62 12.71 24.45
N SER C 94 -14.21 13.76 25.04
CA SER C 94 -13.53 14.58 26.03
C SER C 94 -14.43 14.84 27.26
N ILE C 95 -14.54 13.81 28.13
CA ILE C 95 -15.32 13.89 29.37
C ILE C 95 -14.37 13.48 30.50
N GLY C 96 -13.98 14.45 31.35
CA GLY C 96 -12.83 14.38 32.25
C GLY C 96 -13.17 13.93 33.67
N PHE C 97 -12.13 13.84 34.50
CA PHE C 97 -12.13 13.24 35.84
C PHE C 97 -13.10 13.97 36.78
N HIS C 120 -12.76 4.85 37.73
CA HIS C 120 -13.97 4.30 37.03
C HIS C 120 -13.61 4.09 35.56
N ASP C 121 -14.01 2.94 35.01
CA ASP C 121 -13.95 2.72 33.58
C ASP C 121 -15.14 3.41 32.89
N ILE C 122 -15.66 4.50 33.47
CA ILE C 122 -16.83 5.18 32.92
C ILE C 122 -16.42 5.94 31.66
N SER C 123 -15.27 6.63 31.74
CA SER C 123 -14.69 7.36 30.61
C SER C 123 -14.12 6.40 29.57
N ALA C 124 -13.59 5.26 30.04
CA ALA C 124 -13.15 4.18 29.16
C ALA C 124 -14.36 3.53 28.51
N TYR C 125 -15.40 3.24 29.29
CA TYR C 125 -16.59 2.57 28.80
C TYR C 125 -17.31 3.45 27.78
N SER C 126 -17.60 4.72 28.10
CA SER C 126 -18.34 5.59 27.20
C SER C 126 -17.63 5.71 25.85
N PHE C 127 -16.30 5.59 25.84
CA PHE C 127 -15.52 5.71 24.63
C PHE C 127 -15.81 4.52 23.72
N VAL C 128 -15.82 3.30 24.28
CA VAL C 128 -16.07 2.10 23.49
C VAL C 128 -17.56 2.04 23.12
N ALA C 129 -18.43 2.54 23.99
CA ALA C 129 -19.86 2.61 23.75
C ALA C 129 -20.19 3.46 22.53
N MET C 130 -19.63 4.68 22.50
CA MET C 130 -19.85 5.63 21.42
C MET C 130 -19.33 5.08 20.11
N ALA C 131 -18.19 4.36 20.17
CA ALA C 131 -17.60 3.73 19.00
C ALA C 131 -18.56 2.71 18.41
N LYS C 132 -19.11 1.83 19.28
CA LYS C 132 -20.05 0.80 18.86
C LYS C 132 -21.30 1.42 18.28
N ALA C 133 -21.73 2.55 18.84
CA ALA C 133 -22.98 3.20 18.49
C ALA C 133 -22.91 3.86 17.11
N CYS C 134 -21.73 4.39 16.73
CA CYS C 134 -21.56 5.10 15.48
C CYS C 134 -20.78 4.28 14.45
N ARG C 135 -20.56 2.99 14.77
CA ARG C 135 -19.70 2.10 14.00
C ARG C 135 -20.08 2.10 12.51
N GLY C 136 -21.39 2.09 12.23
CA GLY C 136 -21.90 1.96 10.88
C GLY C 136 -21.83 3.25 10.07
N MET C 137 -21.69 4.39 10.76
CA MET C 137 -21.72 5.70 10.12
C MET C 137 -20.31 6.20 9.81
N LEU C 138 -19.28 5.43 10.20
CA LEU C 138 -17.90 5.87 10.05
C LEU C 138 -17.42 5.57 8.64
N ASN C 139 -16.87 6.59 7.96
CA ASN C 139 -16.24 6.42 6.66
C ASN C 139 -14.93 5.67 6.83
N PRO C 140 -14.39 5.02 5.76
CA PRO C 140 -13.06 4.42 5.87
C PRO C 140 -12.13 5.62 6.00
N GLY C 141 -11.12 5.49 6.85
CA GLY C 141 -10.18 6.56 7.13
C GLY C 141 -10.56 7.37 8.37
N SER C 142 -11.71 7.05 8.98
CA SER C 142 -12.20 7.70 10.20
C SER C 142 -11.21 7.50 11.34
N ALA C 143 -11.27 8.39 12.34
CA ALA C 143 -10.40 8.36 13.49
C ALA C 143 -11.18 8.82 14.71
N LEU C 144 -11.17 7.99 15.76
CA LEU C 144 -11.74 8.34 17.06
C LEU C 144 -10.59 8.77 17.96
N LEU C 145 -10.80 9.79 18.79
CA LEU C 145 -9.77 10.28 19.70
C LEU C 145 -10.39 10.51 21.08
N THR C 146 -9.72 10.00 22.13
CA THR C 146 -10.14 10.22 23.51
C THR C 146 -9.10 11.06 24.23
N LEU C 147 -9.58 12.00 25.06
CA LEU C 147 -8.75 12.89 25.85
C LEU C 147 -8.65 12.36 27.27
N SER C 148 -7.45 12.43 27.85
CA SER C 148 -7.12 11.73 29.09
C SER C 148 -7.03 12.70 30.26
N TYR C 149 -6.21 13.75 30.14
CA TYR C 149 -6.08 14.78 31.16
C TYR C 149 -7.26 14.76 32.13
N SER C 168 -2.00 4.04 37.91
CA SER C 168 -2.23 2.59 37.66
C SER C 168 -3.23 2.43 36.52
N LEU C 169 -3.45 3.48 35.74
CA LEU C 169 -4.48 3.41 34.67
C LEU C 169 -3.82 3.28 33.31
N GLU C 170 -3.92 2.11 32.68
CA GLU C 170 -3.41 1.96 31.31
C GLU C 170 -4.60 2.11 30.35
N ALA C 171 -4.59 3.19 29.55
CA ALA C 171 -5.68 3.41 28.57
C ALA C 171 -5.64 2.28 27.54
N ASN C 172 -6.82 1.79 27.14
CA ASN C 172 -6.86 0.64 26.24
C ASN C 172 -7.57 0.95 24.92
N VAL C 173 -7.09 2.03 24.32
CA VAL C 173 -7.22 2.35 22.91
C VAL C 173 -6.68 1.20 22.04
N ARG C 174 -5.71 0.41 22.54
CA ARG C 174 -5.08 -0.69 21.85
C ARG C 174 -6.10 -1.69 21.31
N TYR C 175 -7.02 -2.13 22.18
CA TYR C 175 -7.97 -3.16 21.79
C TYR C 175 -9.02 -2.59 20.82
N MET C 176 -9.40 -1.31 21.01
CA MET C 176 -10.35 -0.67 20.13
C MET C 176 -9.76 -0.52 18.73
N ALA C 177 -8.48 -0.14 18.66
CA ALA C 177 -7.78 0.09 17.41
C ALA C 177 -7.68 -1.20 16.61
N ASN C 178 -7.39 -2.31 17.30
CA ASN C 178 -7.23 -3.61 16.66
C ASN C 178 -8.57 -4.12 16.13
N ALA C 179 -9.67 -3.74 16.81
CA ALA C 179 -11.00 -4.17 16.45
C ALA C 179 -11.50 -3.43 15.20
N MET C 180 -11.25 -2.12 15.16
CA MET C 180 -11.83 -1.23 14.17
C MET C 180 -10.86 -0.94 13.02
N GLY C 181 -9.58 -1.31 13.19
CA GLY C 181 -8.58 -1.12 12.16
C GLY C 181 -8.99 -1.78 10.85
N PRO C 182 -9.38 -3.08 10.85
CA PRO C 182 -9.71 -3.78 9.62
C PRO C 182 -10.82 -3.14 8.78
N GLU C 183 -11.62 -2.26 9.38
CA GLU C 183 -12.70 -1.59 8.66
C GLU C 183 -12.34 -0.13 8.38
N GLY C 184 -11.05 0.21 8.55
CA GLY C 184 -10.51 1.51 8.15
C GLY C 184 -10.58 2.60 9.22
N VAL C 185 -10.88 2.23 10.48
CA VAL C 185 -11.07 3.22 11.54
C VAL C 185 -9.87 3.20 12.48
N ARG C 186 -9.31 4.38 12.78
CA ARG C 186 -8.19 4.54 13.69
C ARG C 186 -8.73 4.97 15.06
N VAL C 187 -8.05 4.53 16.12
CA VAL C 187 -8.42 4.91 17.49
C VAL C 187 -7.15 5.31 18.23
N ASN C 188 -7.13 6.49 18.85
CA ASN C 188 -5.98 7.00 19.58
C ASN C 188 -6.45 7.79 20.79
N ALA C 189 -5.51 8.13 21.68
CA ALA C 189 -5.80 8.97 22.84
C ALA C 189 -4.71 10.03 22.98
N ILE C 190 -5.10 11.20 23.49
CA ILE C 190 -4.15 12.20 23.94
C ILE C 190 -4.22 12.27 25.45
N SER C 191 -3.06 12.04 26.07
CA SER C 191 -2.85 12.24 27.50
C SER C 191 -2.18 13.61 27.68
N ALA C 192 -2.99 14.63 28.03
CA ALA C 192 -2.55 16.01 28.10
C ALA C 192 -2.07 16.34 29.52
N GLY C 193 -0.97 17.11 29.61
CA GLY C 193 -0.48 17.65 30.87
C GLY C 193 -1.34 18.81 31.36
N PRO C 194 -1.04 19.43 32.52
CA PRO C 194 -1.89 20.49 33.09
C PRO C 194 -1.93 21.73 32.19
N ILE C 195 -3.15 22.24 31.95
CA ILE C 195 -3.39 23.41 31.12
C ILE C 195 -3.49 24.66 32.00
N ARG C 220 8.82 22.09 35.66
CA ARG C 220 7.59 22.82 35.24
C ARG C 220 7.51 22.78 33.71
N ARG C 221 6.35 22.28 33.22
CA ARG C 221 5.97 22.26 31.82
C ARG C 221 4.47 22.52 31.70
N THR C 222 4.11 23.61 31.01
CA THR C 222 2.72 24.00 30.81
C THR C 222 2.32 23.67 29.37
N VAL C 223 1.14 23.05 29.16
CA VAL C 223 0.65 22.84 27.80
C VAL C 223 -0.37 23.95 27.48
N THR C 224 -0.31 24.48 26.26
CA THR C 224 -1.29 25.46 25.85
C THR C 224 -2.46 24.71 25.22
N ILE C 225 -3.67 25.29 25.25
CA ILE C 225 -4.85 24.66 24.69
C ILE C 225 -4.63 24.51 23.18
N GLU C 226 -3.86 25.44 22.58
CA GLU C 226 -3.57 25.43 21.16
C GLU C 226 -2.72 24.22 20.83
N ASP C 227 -1.77 23.89 21.73
CA ASP C 227 -0.87 22.74 21.57
C ASP C 227 -1.67 21.45 21.53
N VAL C 228 -2.58 21.30 22.51
CA VAL C 228 -3.45 20.13 22.59
C VAL C 228 -4.31 20.07 21.34
N GLY C 229 -4.88 21.22 20.94
CA GLY C 229 -5.77 21.33 19.79
C GLY C 229 -5.12 20.85 18.50
N ASN C 230 -3.87 21.26 18.27
CA ASN C 230 -3.21 20.94 17.01
C ASN C 230 -2.85 19.47 16.96
N SER C 231 -2.44 18.89 18.11
CA SER C 231 -2.16 17.46 18.21
C SER C 231 -3.43 16.66 17.94
N ALA C 232 -4.54 17.11 18.53
CA ALA C 232 -5.85 16.51 18.34
C ALA C 232 -6.26 16.60 16.87
N ALA C 233 -6.10 17.80 16.26
CA ALA C 233 -6.46 18.02 14.86
C ALA C 233 -5.67 17.04 13.98
N PHE C 234 -4.36 16.94 14.24
CA PHE C 234 -3.47 16.07 13.50
C PHE C 234 -3.94 14.60 13.62
N LEU C 235 -4.25 14.18 14.85
CA LEU C 235 -4.58 12.79 15.13
C LEU C 235 -5.95 12.40 14.57
N CYS C 236 -6.70 13.38 14.05
CA CYS C 236 -7.99 13.10 13.42
C CYS C 236 -7.93 13.32 11.91
N SER C 237 -6.76 13.73 11.40
CA SER C 237 -6.52 14.02 10.00
C SER C 237 -5.82 12.83 9.35
N ASN C 238 -5.71 12.85 8.02
CA ASN C 238 -5.03 11.80 7.26
C ASN C 238 -3.51 11.90 7.40
N LEU C 239 -3.00 13.01 7.93
CA LEU C 239 -1.57 13.13 8.23
C LEU C 239 -1.14 12.03 9.21
N SER C 240 -2.04 11.65 10.12
CA SER C 240 -1.75 10.70 11.19
C SER C 240 -2.22 9.29 10.82
N ALA C 241 -2.42 9.02 9.53
CA ALA C 241 -2.97 7.76 9.02
C ALA C 241 -2.17 6.54 9.46
N GLY C 242 -0.87 6.72 9.72
CA GLY C 242 -0.07 5.58 10.13
C GLY C 242 -0.07 5.38 11.64
N ILE C 243 -0.85 6.20 12.38
CA ILE C 243 -0.92 6.14 13.84
C ILE C 243 -2.31 5.65 14.27
N SER C 244 -2.36 4.45 14.86
CA SER C 244 -3.57 3.93 15.48
C SER C 244 -3.21 3.06 16.69
N GLY C 245 -4.13 3.05 17.67
CA GLY C 245 -4.01 2.28 18.91
C GLY C 245 -2.94 2.83 19.85
N GLU C 246 -2.74 4.15 19.82
CA GLU C 246 -1.60 4.78 20.47
C GLU C 246 -2.09 5.83 21.48
N VAL C 247 -1.30 6.04 22.54
CA VAL C 247 -1.56 7.13 23.47
C VAL C 247 -0.45 8.15 23.34
N VAL C 248 -0.76 9.32 22.77
CA VAL C 248 0.20 10.39 22.57
C VAL C 248 0.17 11.28 23.81
N HIS C 249 1.36 11.49 24.42
CA HIS C 249 1.50 12.34 25.58
C HIS C 249 1.83 13.77 25.12
N VAL C 250 0.92 14.71 25.39
CA VAL C 250 1.11 16.11 25.07
C VAL C 250 1.30 16.87 26.38
N ASP C 251 2.55 16.95 26.85
CA ASP C 251 2.89 17.65 28.08
C ASP C 251 3.81 18.84 27.74
N GLY C 252 4.57 18.67 26.64
CA GLY C 252 5.74 19.46 26.24
C GLY C 252 5.45 20.95 26.23
N GLY C 253 6.54 21.73 26.45
CA GLY C 253 6.53 23.17 26.61
C GLY C 253 7.06 23.60 27.99
N PHE C 254 8.39 23.56 28.16
CA PHE C 254 9.03 23.99 29.40
C PHE C 254 9.21 25.50 29.34
N ASN C 255 8.34 26.25 30.03
CA ASN C 255 8.43 27.70 30.15
C ASN C 255 8.28 28.36 28.76
N GLY D 5 -1.79 3.70 -23.81
CA GLY D 5 -2.19 2.39 -23.28
C GLY D 5 -1.68 2.14 -21.87
N PHE D 6 -1.87 0.90 -21.36
CA PHE D 6 -1.61 0.59 -19.96
C PHE D 6 -0.13 0.43 -19.65
N LEU D 7 0.72 0.63 -20.66
CA LEU D 7 2.18 0.57 -20.53
C LEU D 7 2.83 1.91 -20.81
N SER D 8 2.02 2.98 -20.91
CA SER D 8 2.52 4.33 -21.14
C SER D 8 3.39 4.76 -19.96
N GLY D 9 4.61 5.22 -20.27
CA GLY D 9 5.55 5.65 -19.26
C GLY D 9 6.66 4.63 -19.05
N LYS D 10 6.41 3.38 -19.47
CA LYS D 10 7.33 2.28 -19.21
C LYS D 10 8.39 2.21 -20.31
N ARG D 11 9.61 1.86 -19.88
CA ARG D 11 10.73 1.55 -20.77
C ARG D 11 11.14 0.11 -20.52
N ILE D 12 10.87 -0.76 -21.50
CA ILE D 12 11.03 -2.20 -21.34
C ILE D 12 11.97 -2.73 -22.42
N LEU D 13 12.95 -3.55 -21.98
CA LEU D 13 13.90 -4.19 -22.86
C LEU D 13 13.39 -5.58 -23.23
N ILE D 14 13.34 -5.87 -24.54
CA ILE D 14 12.87 -7.16 -25.05
C ILE D 14 14.07 -7.94 -25.59
N THR D 15 14.34 -9.12 -25.01
CA THR D 15 15.38 -9.98 -25.53
C THR D 15 14.73 -11.17 -26.21
N GLY D 16 15.35 -11.66 -27.29
CA GLY D 16 14.92 -12.90 -27.92
C GLY D 16 14.10 -12.69 -29.19
N VAL D 17 14.15 -11.49 -29.76
CA VAL D 17 13.59 -11.28 -31.09
C VAL D 17 14.62 -11.74 -32.12
N ALA D 18 14.21 -12.70 -32.98
CA ALA D 18 15.04 -13.22 -34.06
C ALA D 18 14.29 -13.19 -35.39
N SER D 19 12.96 -13.26 -35.33
CA SER D 19 12.10 -13.16 -36.51
C SER D 19 10.75 -12.57 -36.08
N LYS D 20 9.93 -12.22 -37.07
CA LYS D 20 8.59 -11.71 -36.86
C LYS D 20 7.65 -12.78 -36.29
N LEU D 21 8.11 -14.04 -36.27
CA LEU D 21 7.34 -15.13 -35.71
C LEU D 21 7.77 -15.46 -34.27
N SER D 22 8.88 -14.85 -33.82
CA SER D 22 9.38 -15.00 -32.46
C SER D 22 8.27 -14.66 -31.48
N ILE D 23 8.19 -15.44 -30.39
CA ILE D 23 7.22 -15.20 -29.33
C ILE D 23 7.52 -13.83 -28.72
N ALA D 24 8.82 -13.48 -28.58
CA ALA D 24 9.27 -12.22 -28.01
C ALA D 24 8.85 -11.04 -28.88
N TYR D 25 8.71 -11.29 -30.19
CA TYR D 25 8.31 -10.24 -31.12
C TYR D 25 6.85 -9.89 -30.91
N GLY D 26 6.00 -10.89 -30.70
CA GLY D 26 4.59 -10.66 -30.44
C GLY D 26 4.38 -9.93 -29.12
N ILE D 27 5.22 -10.24 -28.11
CA ILE D 27 5.22 -9.55 -26.83
C ILE D 27 5.57 -8.08 -27.07
N ALA D 28 6.58 -7.83 -27.91
CA ALA D 28 7.02 -6.48 -28.21
C ALA D 28 5.89 -5.71 -28.89
N GLN D 29 5.21 -6.35 -29.85
CA GLN D 29 4.11 -5.74 -30.56
C GLN D 29 3.01 -5.31 -29.60
N ALA D 30 2.64 -6.21 -28.66
CA ALA D 30 1.60 -5.96 -27.68
C ALA D 30 1.98 -4.81 -26.74
N MET D 31 3.26 -4.80 -26.33
CA MET D 31 3.76 -3.80 -25.42
C MET D 31 3.82 -2.45 -26.12
N HIS D 32 4.18 -2.44 -27.41
CA HIS D 32 4.21 -1.23 -28.21
C HIS D 32 2.80 -0.65 -28.27
N ARG D 33 1.83 -1.53 -28.58
CA ARG D 33 0.43 -1.17 -28.70
C ARG D 33 -0.09 -0.52 -27.42
N GLU D 34 0.48 -0.88 -26.27
CA GLU D 34 0.03 -0.37 -24.98
C GLU D 34 0.91 0.80 -24.53
N GLY D 35 1.77 1.30 -25.42
CA GLY D 35 2.42 2.60 -25.27
C GLY D 35 3.77 2.53 -24.55
N ALA D 36 4.42 1.37 -24.57
CA ALA D 36 5.73 1.23 -23.95
C ALA D 36 6.82 1.68 -24.93
N GLU D 37 7.87 2.31 -24.39
CA GLU D 37 9.11 2.51 -25.12
C GLU D 37 9.94 1.24 -24.97
N LEU D 38 10.47 0.73 -26.09
CA LEU D 38 11.13 -0.57 -26.11
C LEU D 38 12.60 -0.40 -26.49
N ALA D 39 13.40 -1.39 -26.07
CA ALA D 39 14.78 -1.61 -26.48
C ALA D 39 14.93 -3.11 -26.78
N PHE D 40 15.78 -3.46 -27.73
CA PHE D 40 15.92 -4.84 -28.18
C PHE D 40 17.37 -5.28 -28.10
N THR D 41 17.60 -6.57 -27.88
CA THR D 41 18.93 -7.15 -28.00
C THR D 41 18.92 -8.15 -29.16
N TYR D 42 20.07 -8.24 -29.86
CA TYR D 42 20.33 -9.29 -30.82
C TYR D 42 21.41 -10.22 -30.25
N GLN D 43 21.18 -11.54 -30.42
CA GLN D 43 22.02 -12.61 -29.92
C GLN D 43 23.36 -12.63 -30.65
N ASN D 44 23.29 -12.64 -31.98
CA ASN D 44 24.47 -12.69 -32.83
C ASN D 44 24.38 -11.57 -33.88
N GLU D 45 25.53 -11.31 -34.50
CA GLU D 45 25.71 -10.19 -35.41
C GLU D 45 24.89 -10.41 -36.69
N LYS D 46 24.62 -11.68 -37.03
CA LYS D 46 23.83 -12.04 -38.21
C LYS D 46 22.42 -11.43 -38.12
N LEU D 47 21.90 -11.35 -36.87
CA LEU D 47 20.54 -10.92 -36.58
C LEU D 47 20.43 -9.39 -36.49
N LYS D 48 21.54 -8.68 -36.28
CA LYS D 48 21.58 -7.26 -35.94
C LYS D 48 20.70 -6.43 -36.86
N GLY D 49 20.81 -6.66 -38.17
CA GLY D 49 20.05 -5.91 -39.16
C GLY D 49 18.54 -6.16 -39.07
N ARG D 50 18.14 -7.45 -38.98
CA ARG D 50 16.74 -7.83 -38.83
C ARG D 50 16.15 -7.15 -37.59
N VAL D 51 16.80 -7.28 -36.43
CA VAL D 51 16.32 -6.77 -35.16
C VAL D 51 16.18 -5.25 -35.21
N GLU D 52 17.11 -4.57 -35.89
CA GLU D 52 17.06 -3.13 -36.08
C GLU D 52 15.84 -2.73 -36.91
N GLU D 53 15.50 -3.55 -37.92
CA GLU D 53 14.32 -3.33 -38.75
C GLU D 53 13.05 -3.49 -37.93
N PHE D 54 12.98 -4.56 -37.13
CA PHE D 54 11.82 -4.87 -36.30
C PHE D 54 11.61 -3.77 -35.25
N ALA D 55 12.72 -3.35 -34.62
CA ALA D 55 12.75 -2.27 -33.64
C ALA D 55 12.21 -0.98 -34.23
N ALA D 56 12.68 -0.64 -35.44
CA ALA D 56 12.25 0.56 -36.15
C ALA D 56 10.76 0.53 -36.44
N ALA D 57 10.25 -0.66 -36.82
CA ALA D 57 8.82 -0.92 -37.04
C ALA D 57 7.98 -0.49 -35.85
N LEU D 58 8.55 -0.58 -34.63
CA LEU D 58 7.88 -0.25 -33.38
C LEU D 58 8.45 1.03 -32.77
N GLY D 59 9.14 1.84 -33.58
CA GLY D 59 9.60 3.16 -33.21
C GLY D 59 10.77 3.18 -32.22
N SER D 60 11.61 2.13 -32.22
CA SER D 60 12.75 2.01 -31.33
C SER D 60 14.08 2.10 -32.08
N ASP D 61 15.04 2.81 -31.49
CA ASP D 61 16.37 3.07 -31.99
C ASP D 61 17.39 2.26 -31.18
N ILE D 62 16.97 1.68 -30.03
CA ILE D 62 17.89 1.03 -29.10
C ILE D 62 17.96 -0.46 -29.42
N VAL D 63 19.01 -0.86 -30.15
CA VAL D 63 19.24 -2.26 -30.47
C VAL D 63 20.69 -2.58 -30.08
N LEU D 64 20.87 -3.43 -29.06
CA LEU D 64 22.15 -3.70 -28.46
C LEU D 64 22.48 -5.18 -28.60
N PRO D 65 23.77 -5.56 -28.69
CA PRO D 65 24.13 -6.97 -28.73
C PRO D 65 24.09 -7.54 -27.32
N CYS D 66 23.63 -8.79 -27.19
CA CYS D 66 23.76 -9.52 -25.94
C CYS D 66 23.65 -11.03 -26.20
N ASP D 67 24.68 -11.76 -25.77
CA ASP D 67 24.62 -13.20 -25.64
C ASP D 67 24.46 -13.50 -24.15
N VAL D 68 23.25 -13.87 -23.74
CA VAL D 68 22.89 -14.09 -22.34
C VAL D 68 23.68 -15.27 -21.76
N ALA D 69 24.33 -16.07 -22.62
CA ALA D 69 25.21 -17.14 -22.18
C ALA D 69 26.49 -16.61 -21.52
N GLU D 70 26.96 -15.41 -21.89
CA GLU D 70 28.20 -14.85 -21.37
C GLU D 70 27.91 -13.70 -20.40
N ASP D 71 28.48 -13.75 -19.17
CA ASP D 71 28.29 -12.75 -18.15
C ASP D 71 28.80 -11.38 -18.56
N GLU D 72 29.91 -11.35 -19.33
CA GLU D 72 30.54 -10.12 -19.76
C GLU D 72 29.62 -9.35 -20.73
N SER D 73 28.89 -10.12 -21.56
CA SER D 73 28.00 -9.59 -22.59
C SER D 73 26.81 -8.88 -21.96
N ILE D 74 26.33 -9.44 -20.84
CA ILE D 74 25.23 -8.92 -20.06
C ILE D 74 25.68 -7.61 -19.41
N THR D 75 26.85 -7.63 -18.73
CA THR D 75 27.41 -6.43 -18.11
C THR D 75 27.59 -5.31 -19.11
N ALA D 76 28.04 -5.68 -20.32
CA ALA D 76 28.28 -4.77 -21.43
C ALA D 76 26.96 -4.14 -21.87
N LEU D 77 25.94 -5.00 -22.03
CA LEU D 77 24.61 -4.59 -22.45
C LEU D 77 24.09 -3.45 -21.58
N PHE D 78 24.13 -3.66 -20.26
CA PHE D 78 23.55 -2.71 -19.32
C PHE D 78 24.41 -1.46 -19.16
N THR D 79 25.71 -1.58 -19.47
CA THR D 79 26.63 -0.44 -19.51
C THR D 79 26.24 0.47 -20.68
N GLU D 80 25.96 -0.15 -21.84
CA GLU D 80 25.56 0.53 -23.07
C GLU D 80 24.15 1.11 -22.90
N LEU D 81 23.27 0.35 -22.23
CA LEU D 81 21.87 0.71 -22.10
C LEU D 81 21.73 1.97 -21.26
N GLU D 82 22.54 2.07 -20.19
CA GLU D 82 22.49 3.17 -19.23
C GLU D 82 22.80 4.51 -19.90
N LYS D 83 23.44 4.47 -21.09
CA LYS D 83 23.84 5.65 -21.82
C LYS D 83 22.62 6.32 -22.47
N VAL D 84 21.57 5.54 -22.78
CA VAL D 84 20.36 6.06 -23.41
C VAL D 84 19.15 6.00 -22.44
N TRP D 85 19.09 4.92 -21.64
CA TRP D 85 18.10 4.72 -20.59
C TRP D 85 18.83 4.62 -19.25
N PRO D 86 19.17 5.75 -18.60
CA PRO D 86 19.85 5.70 -17.31
C PRO D 86 19.02 4.93 -16.28
N LYS D 87 17.68 4.99 -16.43
CA LYS D 87 16.71 4.23 -15.63
C LYS D 87 15.66 3.63 -16.56
N PHE D 88 15.20 2.40 -16.27
CA PHE D 88 14.16 1.72 -17.05
C PHE D 88 13.29 0.88 -16.12
N ASP D 89 12.22 0.27 -16.68
CA ASP D 89 11.15 -0.30 -15.88
C ASP D 89 11.06 -1.81 -16.03
N GLY D 90 12.13 -2.46 -16.49
CA GLY D 90 12.20 -3.92 -16.52
C GLY D 90 12.45 -4.50 -17.91
N PHE D 91 12.49 -5.84 -18.00
CA PHE D 91 12.83 -6.52 -19.25
C PHE D 91 12.09 -7.85 -19.37
N VAL D 92 11.95 -8.31 -20.62
CA VAL D 92 11.42 -9.62 -20.99
C VAL D 92 12.59 -10.48 -21.45
N HIS D 93 12.79 -11.60 -20.74
CA HIS D 93 13.87 -12.54 -20.95
C HIS D 93 13.34 -13.77 -21.68
N SER D 94 13.63 -13.88 -22.98
CA SER D 94 13.03 -14.87 -23.85
C SER D 94 14.08 -15.59 -24.70
N ILE D 95 14.70 -16.63 -24.12
CA ILE D 95 15.72 -17.44 -24.79
C ILE D 95 15.25 -18.87 -25.03
N GLY D 96 15.60 -19.41 -26.22
CA GLY D 96 15.36 -20.80 -26.58
C GLY D 96 16.35 -21.32 -27.64
N VAL D 110 25.31 -37.15 -14.47
CA VAL D 110 25.36 -36.11 -15.54
C VAL D 110 26.29 -36.62 -16.67
N VAL D 111 25.78 -37.54 -17.51
CA VAL D 111 26.54 -38.59 -18.22
C VAL D 111 27.63 -39.23 -17.34
N THR D 112 28.06 -38.47 -16.32
CA THR D 112 29.09 -38.81 -15.34
C THR D 112 30.47 -38.73 -15.98
N ARG D 113 30.55 -38.88 -17.31
CA ARG D 113 31.74 -38.63 -18.08
C ARG D 113 32.00 -37.12 -18.11
N ASP D 114 31.14 -36.33 -18.77
CA ASP D 114 31.22 -34.87 -18.86
C ASP D 114 32.67 -34.38 -18.75
N GLY D 115 33.59 -35.06 -19.46
CA GLY D 115 35.02 -34.78 -19.45
C GLY D 115 35.50 -34.20 -18.12
N PHE D 116 35.05 -34.83 -17.02
CA PHE D 116 35.24 -34.42 -15.64
C PHE D 116 35.21 -32.89 -15.53
N LYS D 117 34.03 -32.30 -15.82
CA LYS D 117 33.83 -30.85 -15.79
C LYS D 117 32.72 -30.52 -14.80
N ILE D 118 32.71 -29.30 -14.26
CA ILE D 118 31.83 -28.92 -13.16
C ILE D 118 30.39 -28.70 -13.65
N ALA D 119 30.10 -29.21 -14.86
CA ALA D 119 28.78 -29.08 -15.47
C ALA D 119 28.27 -27.68 -15.22
N HIS D 120 29.11 -26.68 -15.56
CA HIS D 120 28.81 -25.26 -15.40
C HIS D 120 28.15 -25.06 -14.03
N ASP D 121 26.82 -24.90 -14.00
CA ASP D 121 26.08 -24.84 -12.74
C ASP D 121 24.62 -25.23 -12.93
N ILE D 122 24.00 -24.90 -14.08
CA ILE D 122 22.56 -25.08 -14.28
C ILE D 122 22.09 -24.86 -15.72
N SER D 123 21.26 -23.82 -15.95
CA SER D 123 20.49 -23.66 -17.18
C SER D 123 20.29 -22.18 -17.57
N ALA D 124 19.08 -21.62 -17.35
CA ALA D 124 18.81 -20.22 -17.66
C ALA D 124 19.89 -19.37 -17.02
N TYR D 125 19.89 -19.23 -15.68
CA TYR D 125 20.92 -18.49 -14.96
C TYR D 125 21.04 -17.05 -15.45
N SER D 126 20.98 -16.89 -16.78
CA SER D 126 21.00 -15.59 -17.44
C SER D 126 19.90 -14.69 -16.90
N PHE D 127 18.79 -15.26 -16.42
CA PHE D 127 17.70 -14.45 -15.91
C PHE D 127 18.13 -13.77 -14.63
N VAL D 128 18.76 -14.51 -13.70
CA VAL D 128 19.19 -13.92 -12.44
C VAL D 128 20.41 -13.03 -12.67
N ALA D 129 21.26 -13.39 -13.64
CA ALA D 129 22.42 -12.59 -14.03
C ALA D 129 22.00 -11.20 -14.50
N MET D 130 21.06 -11.14 -15.43
CA MET D 130 20.55 -9.91 -16.01
C MET D 130 19.91 -9.04 -14.94
N ALA D 131 19.20 -9.67 -14.00
CA ALA D 131 18.59 -8.99 -12.87
C ALA D 131 19.65 -8.28 -12.02
N LYS D 132 20.74 -9.00 -11.70
CA LYS D 132 21.85 -8.46 -10.91
C LYS D 132 22.50 -7.31 -11.66
N ALA D 133 22.61 -7.45 -12.99
CA ALA D 133 23.35 -6.54 -13.84
C ALA D 133 22.64 -5.20 -14.00
N CYS D 134 21.29 -5.22 -14.03
CA CYS D 134 20.52 -4.00 -14.25
C CYS D 134 19.83 -3.53 -12.97
N ARG D 135 20.19 -4.16 -11.83
CA ARG D 135 19.53 -3.95 -10.55
C ARG D 135 19.46 -2.45 -10.19
N GLY D 136 20.54 -1.72 -10.47
CA GLY D 136 20.68 -0.32 -10.10
C GLY D 136 19.87 0.63 -11.00
N MET D 137 19.51 0.17 -12.20
CA MET D 137 18.86 1.00 -13.20
C MET D 137 17.34 0.85 -13.15
N LEU D 138 16.83 -0.05 -12.29
CA LEU D 138 15.40 -0.34 -12.26
C LEU D 138 14.67 0.70 -11.42
N ASN D 139 13.61 1.30 -11.99
CA ASN D 139 12.74 2.21 -11.26
C ASN D 139 11.91 1.43 -10.25
N PRO D 140 11.35 2.07 -9.20
CA PRO D 140 10.45 1.36 -8.30
C PRO D 140 9.21 1.09 -9.16
N GLY D 141 8.65 -0.12 -9.00
CA GLY D 141 7.52 -0.56 -9.79
C GLY D 141 7.92 -1.35 -11.04
N SER D 142 9.23 -1.55 -11.23
CA SER D 142 9.77 -2.35 -12.32
C SER D 142 9.31 -3.80 -12.20
N ALA D 143 9.31 -4.50 -13.33
CA ALA D 143 8.88 -5.89 -13.42
C ALA D 143 9.75 -6.61 -14.44
N LEU D 144 10.33 -7.74 -14.02
CA LEU D 144 11.10 -8.61 -14.90
C LEU D 144 10.20 -9.79 -15.24
N LEU D 145 10.28 -10.26 -16.48
CA LEU D 145 9.46 -11.37 -16.93
C LEU D 145 10.32 -12.34 -17.73
N THR D 146 10.23 -13.63 -17.40
CA THR D 146 10.92 -14.66 -18.14
C THR D 146 9.89 -15.56 -18.81
N LEU D 147 10.20 -15.94 -20.06
CA LEU D 147 9.36 -16.83 -20.86
C LEU D 147 9.91 -18.25 -20.78
N SER D 148 9.01 -19.22 -20.61
CA SER D 148 9.30 -20.63 -20.65
C SER D 148 8.40 -21.26 -21.71
N TYR D 149 8.97 -22.18 -22.51
CA TYR D 149 8.29 -22.74 -23.67
C TYR D 149 8.70 -24.18 -23.92
N ALA D 165 7.52 -37.82 -15.58
CA ALA D 165 7.58 -36.36 -15.87
C ALA D 165 8.97 -35.83 -15.51
N LYS D 166 9.53 -34.97 -16.40
CA LYS D 166 10.67 -34.10 -16.12
C LYS D 166 10.13 -32.74 -15.64
N ALA D 167 9.69 -32.72 -14.38
CA ALA D 167 9.10 -31.58 -13.69
C ALA D 167 10.23 -30.71 -13.11
N SER D 168 11.30 -30.52 -13.88
CA SER D 168 12.32 -29.49 -13.62
C SER D 168 11.76 -28.08 -13.85
N LEU D 169 10.48 -27.91 -13.53
CA LEU D 169 9.81 -26.63 -13.42
C LEU D 169 10.03 -26.20 -11.97
N GLU D 170 11.27 -25.86 -11.59
CA GLU D 170 11.52 -25.15 -10.34
C GLU D 170 11.23 -23.63 -10.52
N ALA D 171 10.98 -22.93 -9.40
CA ALA D 171 10.71 -21.49 -9.35
C ALA D 171 11.87 -20.72 -8.67
N ASN D 172 12.93 -20.47 -9.46
CA ASN D 172 13.91 -19.42 -9.25
C ASN D 172 13.23 -18.04 -9.24
N VAL D 173 12.10 -17.93 -9.93
CA VAL D 173 11.18 -16.80 -9.92
C VAL D 173 10.78 -16.45 -8.49
N ARG D 174 10.49 -17.45 -7.65
CA ARG D 174 10.04 -17.23 -6.27
C ARG D 174 11.11 -16.51 -5.47
N TYR D 175 12.35 -17.01 -5.57
CA TYR D 175 13.49 -16.51 -4.82
C TYR D 175 13.91 -15.15 -5.37
N MET D 176 13.79 -14.95 -6.69
CA MET D 176 14.13 -13.67 -7.29
C MET D 176 13.16 -12.59 -6.80
N ALA D 177 11.88 -12.93 -6.76
CA ALA D 177 10.82 -12.01 -6.38
C ALA D 177 11.00 -11.58 -4.93
N ASN D 178 11.37 -12.52 -4.05
CA ASN D 178 11.56 -12.24 -2.63
C ASN D 178 12.76 -11.33 -2.41
N ALA D 179 13.77 -11.45 -3.28
CA ALA D 179 15.01 -10.69 -3.18
C ALA D 179 14.79 -9.25 -3.61
N MET D 180 14.06 -9.06 -4.71
CA MET D 180 13.97 -7.77 -5.37
C MET D 180 12.66 -7.05 -5.01
N GLY D 181 11.73 -7.75 -4.36
CA GLY D 181 10.48 -7.16 -3.92
C GLY D 181 10.71 -5.93 -3.04
N PRO D 182 11.51 -6.03 -1.96
CA PRO D 182 11.75 -4.89 -1.05
C PRO D 182 12.26 -3.61 -1.70
N GLU D 183 12.82 -3.71 -2.92
CA GLU D 183 13.31 -2.52 -3.63
C GLU D 183 12.38 -2.13 -4.77
N GLY D 184 11.16 -2.70 -4.78
CA GLY D 184 10.08 -2.28 -5.66
C GLY D 184 10.01 -3.03 -6.98
N VAL D 185 10.75 -4.13 -7.11
CA VAL D 185 10.84 -4.85 -8.38
C VAL D 185 10.06 -6.16 -8.29
N ARG D 186 9.18 -6.41 -9.28
CA ARG D 186 8.43 -7.66 -9.39
C ARG D 186 9.12 -8.61 -10.37
N VAL D 187 9.01 -9.92 -10.10
CA VAL D 187 9.60 -10.92 -10.97
C VAL D 187 8.56 -12.03 -11.19
N ASN D 188 8.28 -12.35 -12.46
CA ASN D 188 7.31 -13.37 -12.81
C ASN D 188 7.79 -14.12 -14.05
N ALA D 189 7.12 -15.24 -14.35
CA ALA D 189 7.37 -15.98 -15.57
C ALA D 189 6.05 -16.30 -16.28
N ILE D 190 6.11 -16.39 -17.61
CA ILE D 190 5.02 -16.97 -18.39
C ILE D 190 5.47 -18.34 -18.92
N SER D 191 4.70 -19.37 -18.56
CA SER D 191 4.82 -20.70 -19.10
C SER D 191 3.81 -20.85 -20.22
N ALA D 192 4.26 -20.68 -21.49
CA ALA D 192 3.40 -20.67 -22.65
C ALA D 192 3.28 -22.09 -23.22
N GLY D 193 2.06 -22.45 -23.63
CA GLY D 193 1.78 -23.69 -24.34
C GLY D 193 2.24 -23.58 -25.80
N PRO D 194 1.99 -24.64 -26.63
CA PRO D 194 2.37 -24.62 -28.04
C PRO D 194 1.65 -23.51 -28.80
N ILE D 195 2.41 -22.76 -29.61
CA ILE D 195 1.96 -21.46 -30.12
C ILE D 195 1.30 -21.59 -31.49
N ARG D 196 -0.04 -21.60 -31.51
CA ARG D 196 -0.89 -21.56 -32.68
C ARG D 196 -0.47 -22.57 -33.75
N THR D 197 0.40 -23.52 -33.34
CA THR D 197 1.14 -24.45 -34.19
C THR D 197 1.62 -23.77 -35.48
N LEU D 198 2.13 -22.53 -35.31
CA LEU D 198 2.46 -21.60 -36.39
C LEU D 198 3.89 -21.87 -36.87
N ARG D 220 -6.77 -30.58 -28.01
CA ARG D 220 -5.85 -29.52 -28.51
C ARG D 220 -6.18 -28.20 -27.81
N ARG D 221 -5.11 -27.49 -27.40
CA ARG D 221 -5.18 -26.10 -26.95
C ARG D 221 -3.99 -25.31 -27.52
N THR D 222 -4.30 -24.37 -28.42
CA THR D 222 -3.25 -23.55 -29.01
C THR D 222 -3.32 -22.16 -28.39
N VAL D 223 -2.14 -21.56 -28.16
CA VAL D 223 -2.03 -20.17 -27.74
C VAL D 223 -1.74 -19.35 -28.99
N THR D 224 -2.37 -18.18 -29.11
CA THR D 224 -2.02 -17.26 -30.17
C THR D 224 -0.88 -16.38 -29.65
N ILE D 225 -0.05 -15.85 -30.55
CA ILE D 225 1.06 -15.01 -30.15
C ILE D 225 0.51 -13.75 -29.49
N GLU D 226 -0.70 -13.33 -29.91
CA GLU D 226 -1.39 -12.17 -29.37
C GLU D 226 -1.75 -12.44 -27.91
N ASP D 227 -2.18 -13.66 -27.61
CA ASP D 227 -2.56 -14.08 -26.26
C ASP D 227 -1.36 -14.01 -25.32
N VAL D 228 -0.21 -14.55 -25.78
CA VAL D 228 1.02 -14.51 -25.02
C VAL D 228 1.43 -13.06 -24.80
N GLY D 229 1.34 -12.27 -25.88
CA GLY D 229 1.75 -10.88 -25.86
C GLY D 229 0.98 -10.07 -24.82
N ASN D 230 -0.33 -10.27 -24.76
CA ASN D 230 -1.18 -9.47 -23.88
C ASN D 230 -0.95 -9.84 -22.42
N SER D 231 -0.73 -11.12 -22.16
CA SER D 231 -0.40 -11.59 -20.82
C SER D 231 0.94 -11.01 -20.37
N ALA D 232 1.91 -11.02 -21.29
CA ALA D 232 3.23 -10.46 -21.05
C ALA D 232 3.11 -8.95 -20.81
N ALA D 233 2.33 -8.24 -21.63
CA ALA D 233 2.16 -6.80 -21.50
C ALA D 233 1.58 -6.50 -20.13
N PHE D 234 0.55 -7.26 -19.74
CA PHE D 234 -0.12 -7.11 -18.46
C PHE D 234 0.88 -7.31 -17.32
N LEU D 235 1.67 -8.37 -17.40
CA LEU D 235 2.58 -8.76 -16.32
C LEU D 235 3.76 -7.81 -16.19
N CYS D 236 3.89 -6.86 -17.12
CA CYS D 236 4.96 -5.86 -17.05
C CYS D 236 4.39 -4.47 -16.74
N SER D 237 3.05 -4.37 -16.64
CA SER D 237 2.32 -3.14 -16.38
C SER D 237 1.96 -3.07 -14.90
N ASN D 238 1.47 -1.90 -14.47
CA ASN D 238 1.04 -1.69 -13.09
C ASN D 238 -0.27 -2.40 -12.79
N LEU D 239 -1.00 -2.86 -13.82
CA LEU D 239 -2.22 -3.63 -13.62
C LEU D 239 -1.89 -4.90 -12.83
N SER D 240 -0.68 -5.45 -13.02
CA SER D 240 -0.29 -6.72 -12.41
C SER D 240 0.56 -6.50 -11.14
N ALA D 241 0.45 -5.30 -10.53
CA ALA D 241 1.26 -4.90 -9.40
C ALA D 241 1.14 -5.86 -8.22
N GLY D 242 0.00 -6.53 -8.10
CA GLY D 242 -0.21 -7.44 -6.99
C GLY D 242 0.32 -8.84 -7.26
N ILE D 243 0.93 -9.05 -8.45
CA ILE D 243 1.47 -10.34 -8.86
C ILE D 243 3.00 -10.25 -8.93
N SER D 244 3.67 -10.98 -8.04
CA SER D 244 5.11 -11.16 -8.07
C SER D 244 5.48 -12.56 -7.56
N GLY D 245 6.57 -13.12 -8.11
CA GLY D 245 7.09 -14.43 -7.76
C GLY D 245 6.23 -15.58 -8.27
N GLU D 246 5.54 -15.36 -9.40
CA GLU D 246 4.51 -16.27 -9.88
C GLU D 246 4.85 -16.76 -11.28
N VAL D 247 4.39 -17.99 -11.60
CA VAL D 247 4.49 -18.52 -12.95
C VAL D 247 3.07 -18.62 -13.52
N VAL D 248 2.75 -17.75 -14.48
CA VAL D 248 1.43 -17.71 -15.11
C VAL D 248 1.45 -18.66 -16.32
N HIS D 249 0.50 -19.59 -16.34
CA HIS D 249 0.38 -20.56 -17.44
C HIS D 249 -0.56 -20.01 -18.51
N VAL D 250 -0.01 -19.76 -19.70
CA VAL D 250 -0.77 -19.28 -20.84
C VAL D 250 -0.85 -20.41 -21.87
N ASP D 251 -1.87 -21.28 -21.73
CA ASP D 251 -2.05 -22.45 -22.58
C ASP D 251 -3.32 -22.32 -23.42
N GLY D 252 -4.26 -21.50 -22.92
CA GLY D 252 -5.65 -21.43 -23.33
C GLY D 252 -5.83 -21.21 -24.82
N GLY D 253 -7.02 -21.58 -25.30
CA GLY D 253 -7.42 -21.50 -26.69
C GLY D 253 -7.90 -22.86 -27.20
N PHE D 254 -9.16 -23.20 -26.86
CA PHE D 254 -9.79 -24.45 -27.25
C PHE D 254 -10.35 -24.30 -28.66
N ASN D 255 -9.63 -24.84 -29.65
CA ASN D 255 -10.04 -24.85 -31.04
C ASN D 255 -11.57 -24.73 -31.18
#